data_1O75
#
_entry.id   1O75
#
_cell.length_a   128.931
_cell.length_b   128.931
_cell.length_c   151.161
_cell.angle_alpha   90.00
_cell.angle_beta   90.00
_cell.angle_gamma   120.00
#
_symmetry.space_group_name_H-M   'P 32 2 1'
#
loop_
_entity.id
_entity.type
_entity.pdbx_description
1 polymer '47 KDA MEMBRANE ANTIGEN'
2 branched 2,3-di-O-sulfo-alpha-D-glucopyranose-(1-6)-2,3-di-O-sulfo-alpha-D-glucopyranose
3 non-polymer XENON
4 water water
#
_entity_poly.entity_id   1
_entity_poly.type   'polypeptide(L)'
_entity_poly.pdbx_seq_one_letter_code
;CGSSSHETSYGYATLSYADYWAGELGQSRDVLLAGNAEADRAGDLDAGMFDAVSRATHGHGAFRQQFQYAVEVLGEKVLS
KQETEDSRGRKKWEYETDPSVTKMVRASASFQDLGEDGEIKFEAVEGAVALADRASSFMVDSEEYKITNVKVHGMKFVPV
AVPHELKGIAKEKFHFVEDSRVTENTNGLKTMLTEDSFSARKVSSMESPHDLVVDTVGTGYHSRFGSDAEASVMLKRADG
SELSHREFIDYVMNFNTVRYDYYGDDASYTNLMASYGTKHSADSWWKTGRVPRISCGINYGFDRFKGSGPGYYRLTLIAN
GYRDVVADVRFLPKYEGNIDIGLKGKVLTIGGADAETLMDAAVDVFADGQPKLVSDQAVSLGQNVLSADFTPGTEYTVEV
RFKEFGSVRAKVVAQ
;
_entity_poly.pdbx_strand_id   A,B
#
# COMPACT_ATOMS: atom_id res chain seq x y z
N GLU A 7 23.07 36.99 -28.48
CA GLU A 7 22.73 35.56 -28.75
C GLU A 7 21.68 35.00 -27.78
N THR A 8 21.83 33.74 -27.38
CA THR A 8 20.86 33.10 -26.48
C THR A 8 21.54 32.20 -25.44
N SER A 9 21.14 32.33 -24.17
CA SER A 9 21.72 31.48 -23.14
C SER A 9 20.69 30.46 -22.63
N TYR A 10 21.18 29.32 -22.19
CA TYR A 10 20.33 28.24 -21.70
C TYR A 10 20.65 27.81 -20.27
N GLY A 11 19.60 27.51 -19.52
CA GLY A 11 19.77 27.07 -18.14
C GLY A 11 18.44 26.82 -17.46
N TYR A 12 18.42 27.03 -16.14
CA TYR A 12 17.23 26.83 -15.34
C TYR A 12 16.83 28.12 -14.65
N ALA A 13 15.53 28.30 -14.52
CA ALA A 13 14.97 29.49 -13.89
C ALA A 13 13.85 29.04 -12.98
N THR A 14 13.55 29.89 -12.01
CA THR A 14 12.50 29.63 -11.04
C THR A 14 11.29 30.42 -11.46
N LEU A 15 10.18 29.73 -11.72
CA LEU A 15 8.94 30.37 -12.11
C LEU A 15 7.81 29.99 -11.17
N SER A 16 6.94 30.94 -10.88
CA SER A 16 5.79 30.68 -10.05
C SER A 16 4.86 29.79 -10.89
N TYR A 17 3.84 29.24 -10.26
CA TYR A 17 2.89 28.41 -10.96
C TYR A 17 2.20 29.21 -12.07
N ALA A 18 1.85 30.46 -11.77
CA ALA A 18 1.19 31.33 -12.75
C ALA A 18 2.13 31.68 -13.91
N ASP A 19 3.40 31.96 -13.62
CA ASP A 19 4.35 32.27 -14.68
C ASP A 19 4.60 31.05 -15.57
N TYR A 20 4.53 29.86 -14.98
CA TYR A 20 4.77 28.65 -15.75
C TYR A 20 3.58 28.33 -16.65
N TRP A 21 2.39 28.40 -16.09
CA TRP A 21 1.21 28.04 -16.87
C TRP A 21 0.68 29.07 -17.84
N ALA A 22 1.07 30.34 -17.70
CA ALA A 22 0.57 31.39 -18.59
C ALA A 22 0.79 31.02 -20.05
N GLY A 23 2.04 30.69 -20.37
CA GLY A 23 2.40 30.30 -21.72
C GLY A 23 1.76 28.99 -22.14
N GLU A 24 1.66 28.05 -21.21
CA GLU A 24 1.07 26.75 -21.55
C GLU A 24 -0.41 26.84 -21.91
N LEU A 25 -1.12 27.77 -21.28
CA LEU A 25 -2.55 27.93 -21.50
C LEU A 25 -2.89 29.15 -22.39
N GLY A 26 -1.87 29.85 -22.88
CA GLY A 26 -2.13 31.02 -23.70
C GLY A 26 -2.92 32.06 -22.95
N GLN A 27 -2.54 32.30 -21.69
CA GLN A 27 -3.20 33.30 -20.87
C GLN A 27 -2.08 34.23 -20.40
N SER A 28 -2.36 35.03 -19.37
CA SER A 28 -1.35 35.94 -18.81
C SER A 28 -1.20 35.58 -17.33
N ARG A 29 -0.07 35.94 -16.75
CA ARG A 29 0.16 35.64 -15.34
C ARG A 29 -0.98 36.22 -14.52
N ASP A 30 -1.32 37.48 -14.74
CA ASP A 30 -2.37 38.13 -13.98
C ASP A 30 -3.71 37.40 -14.03
N VAL A 31 -4.05 36.83 -15.17
CA VAL A 31 -5.32 36.11 -15.27
C VAL A 31 -5.28 34.83 -14.44
N LEU A 32 -4.10 34.23 -14.32
CA LEU A 32 -3.93 32.99 -13.56
C LEU A 32 -3.74 33.18 -12.04
N LEU A 33 -3.74 34.44 -11.59
CA LEU A 33 -3.63 34.75 -10.16
C LEU A 33 -4.99 35.27 -9.69
N ALA A 34 -5.67 34.53 -8.82
CA ALA A 34 -6.99 34.99 -8.36
C ALA A 34 -7.57 34.09 -7.25
N ASP A 44 -9.38 25.19 3.99
CA ASP A 44 -8.31 24.20 4.02
C ASP A 44 -7.94 23.75 2.61
N LEU A 45 -8.92 23.85 1.70
CA LEU A 45 -8.76 23.45 0.32
C LEU A 45 -8.28 24.64 -0.54
N ASP A 46 -7.62 24.33 -1.65
N ASP A 46 -7.64 24.32 -1.66
CA ASP A 46 -7.11 25.35 -2.58
CA ASP A 46 -7.12 25.31 -2.58
C ASP A 46 -7.90 25.29 -3.88
C ASP A 46 -7.92 25.27 -3.88
N ALA A 47 -9.06 25.95 -3.88
CA ALA A 47 -9.95 25.97 -5.03
C ALA A 47 -9.87 27.19 -5.95
N GLY A 48 -8.74 27.90 -5.93
CA GLY A 48 -8.64 29.07 -6.78
C GLY A 48 -7.95 28.78 -8.09
N MET A 49 -7.13 29.73 -8.52
CA MET A 49 -6.39 29.61 -9.75
C MET A 49 -4.97 29.14 -9.42
N PHE A 50 -3.97 29.89 -9.83
CA PHE A 50 -2.59 29.46 -9.60
C PHE A 50 -1.79 30.20 -8.55
N ASP A 51 -2.48 30.81 -7.60
CA ASP A 51 -1.83 31.51 -6.50
C ASP A 51 -1.08 30.44 -5.69
N ALA A 52 -0.07 30.85 -4.94
CA ALA A 52 0.71 29.89 -4.15
C ALA A 52 -0.14 28.90 -3.34
N VAL A 53 0.29 27.64 -3.30
CA VAL A 53 -0.40 26.60 -2.54
C VAL A 53 -0.04 26.73 -1.05
N SER A 54 -0.98 27.24 -0.26
N SER A 54 -0.97 27.23 -0.26
CA SER A 54 -0.77 27.40 1.18
CA SER A 54 -0.76 27.39 1.18
C SER A 54 -1.46 26.24 1.90
C SER A 54 -1.46 26.23 1.89
N ARG A 55 -0.92 25.83 3.04
CA ARG A 55 -1.50 24.73 3.77
C ARG A 55 -0.99 24.71 5.20
N ALA A 56 -1.88 24.38 6.12
CA ALA A 56 -1.46 24.26 7.51
C ALA A 56 -1.03 22.81 7.50
N THR A 57 0.20 22.53 7.90
CA THR A 57 0.69 21.15 7.93
C THR A 57 1.78 20.89 8.94
N HIS A 58 2.21 19.64 8.93
CA HIS A 58 3.23 19.06 9.78
C HIS A 58 4.62 19.29 9.20
N GLY A 59 4.73 19.28 7.87
CA GLY A 59 6.01 19.50 7.23
C GLY A 59 6.57 18.34 6.41
N HIS A 60 5.87 17.21 6.35
CA HIS A 60 6.35 16.08 5.56
C HIS A 60 6.26 16.40 4.08
N GLY A 61 5.20 17.13 3.69
CA GLY A 61 5.04 17.54 2.31
C GLY A 61 6.07 18.63 2.02
N ALA A 62 6.42 19.42 3.04
CA ALA A 62 7.42 20.45 2.83
C ALA A 62 8.75 19.80 2.51
N PHE A 63 9.06 18.69 3.18
CA PHE A 63 10.31 17.99 2.93
C PHE A 63 10.37 17.51 1.49
N ARG A 64 9.28 16.91 1.02
CA ARG A 64 9.26 16.40 -0.35
C ARG A 64 9.40 17.48 -1.40
N GLN A 65 8.76 18.62 -1.17
CA GLN A 65 8.78 19.73 -2.12
C GLN A 65 9.98 20.64 -2.12
N GLN A 66 10.81 20.59 -1.08
CA GLN A 66 11.97 21.48 -1.02
C GLN A 66 13.01 21.19 -2.11
N PHE A 67 12.94 20.01 -2.73
CA PHE A 67 13.91 19.67 -3.76
C PHE A 67 13.64 20.37 -5.10
N GLN A 68 12.42 20.27 -5.60
CA GLN A 68 12.04 20.88 -6.88
C GLN A 68 11.22 22.17 -6.85
N TYR A 69 10.61 22.49 -5.70
CA TYR A 69 9.75 23.65 -5.59
C TYR A 69 10.32 24.76 -4.70
N ALA A 70 9.79 25.96 -4.92
CA ALA A 70 10.17 27.15 -4.16
C ALA A 70 9.23 27.09 -2.96
N VAL A 71 9.77 26.66 -1.82
CA VAL A 71 8.97 26.49 -0.62
C VAL A 71 9.31 27.44 0.54
N GLU A 72 8.28 27.86 1.26
CA GLU A 72 8.46 28.67 2.46
C GLU A 72 7.68 27.98 3.57
N VAL A 73 8.27 27.92 4.77
CA VAL A 73 7.59 27.31 5.91
C VAL A 73 7.57 28.30 7.09
N LEU A 74 6.48 28.26 7.84
CA LEU A 74 6.31 29.12 9.02
C LEU A 74 6.32 28.19 10.23
N GLY A 75 6.95 28.61 11.32
CA GLY A 75 6.99 27.77 12.52
C GLY A 75 6.86 28.58 13.81
N GLU A 76 6.52 27.91 14.91
CA GLU A 76 6.37 28.55 16.24
C GLU A 76 7.53 28.09 17.12
N LYS A 77 8.09 28.99 17.92
CA LYS A 77 9.25 28.62 18.74
C LYS A 77 8.95 27.48 19.70
N VAL A 78 9.84 26.50 19.72
CA VAL A 78 9.67 25.34 20.59
C VAL A 78 10.24 25.69 21.97
N LEU A 79 9.47 25.43 23.02
CA LEU A 79 9.93 25.68 24.40
C LEU A 79 10.38 24.33 24.99
N SER A 80 9.68 23.26 24.63
CA SER A 80 10.02 21.91 25.06
C SER A 80 9.31 20.92 24.13
N LYS A 81 9.87 19.72 24.02
CA LYS A 81 9.27 18.69 23.18
C LYS A 81 9.55 17.32 23.76
N GLN A 82 8.79 16.33 23.30
CA GLN A 82 8.98 14.96 23.78
C GLN A 82 8.62 13.98 22.66
N GLU A 83 9.50 13.02 22.40
CA GLU A 83 9.24 12.04 21.37
C GLU A 83 8.44 10.89 21.98
N THR A 84 7.27 10.62 21.42
CA THR A 84 6.41 9.56 21.93
C THR A 84 6.24 8.47 20.89
N GLU A 85 5.96 7.27 21.36
CA GLU A 85 5.75 6.14 20.48
C GLU A 85 4.34 5.67 20.79
N ASP A 86 3.55 5.41 19.76
CA ASP A 86 2.17 4.96 20.03
C ASP A 86 2.07 3.44 19.99
N SER A 87 0.85 2.92 20.13
CA SER A 87 0.63 1.48 20.15
C SER A 87 0.94 0.76 18.83
N ARG A 88 1.17 1.52 17.75
CA ARG A 88 1.53 0.95 16.45
C ARG A 88 3.05 0.87 16.32
N GLY A 89 3.75 1.51 17.25
CA GLY A 89 5.21 1.54 17.20
C GLY A 89 5.69 2.76 16.42
N ARG A 90 4.79 3.69 16.12
CA ARG A 90 5.19 4.88 15.39
C ARG A 90 5.64 5.94 16.38
N LYS A 91 6.68 6.68 16.00
CA LYS A 91 7.22 7.72 16.84
C LYS A 91 6.88 9.10 16.30
N LYS A 92 6.54 10.00 17.21
CA LYS A 92 6.14 11.34 16.85
C LYS A 92 6.67 12.33 17.89
N TRP A 93 6.99 13.54 17.44
CA TRP A 93 7.45 14.58 18.36
C TRP A 93 6.26 15.44 18.75
N GLU A 94 6.10 15.68 20.04
CA GLU A 94 5.03 16.52 20.56
C GLU A 94 5.76 17.79 21.00
N TYR A 95 5.26 18.95 20.62
CA TYR A 95 5.93 20.19 21.00
C TYR A 95 5.09 21.11 21.88
N GLU A 96 5.76 21.87 22.74
CA GLU A 96 5.14 22.90 23.57
C GLU A 96 5.75 24.12 22.91
N THR A 97 4.91 25.01 22.41
CA THR A 97 5.43 26.18 21.71
C THR A 97 4.83 27.50 22.20
N ASP A 98 5.48 28.58 21.76
CA ASP A 98 5.03 29.93 22.04
C ASP A 98 4.53 30.42 20.68
N PRO A 99 3.21 30.36 20.45
CA PRO A 99 2.64 30.81 19.18
C PRO A 99 2.91 32.26 18.82
N SER A 100 3.32 33.05 19.82
N SER A 100 3.31 33.07 19.81
CA SER A 100 3.60 34.47 19.62
CA SER A 100 3.58 34.48 19.56
C SER A 100 4.97 34.70 19.00
C SER A 100 4.97 34.69 18.96
N VAL A 101 5.81 33.67 19.01
CA VAL A 101 7.15 33.79 18.44
C VAL A 101 7.25 32.86 17.23
N THR A 102 7.23 33.46 16.04
CA THR A 102 7.27 32.70 14.80
C THR A 102 8.43 33.10 13.92
N LYS A 103 8.72 32.22 12.97
CA LYS A 103 9.79 32.45 12.03
C LYS A 103 9.34 31.86 10.70
N MET A 104 9.58 32.59 9.61
N MET A 104 9.60 32.58 9.61
CA MET A 104 9.21 32.09 8.30
CA MET A 104 9.22 32.11 8.30
C MET A 104 10.49 32.02 7.49
C MET A 104 10.50 32.02 7.47
N VAL A 105 10.81 30.82 6.99
CA VAL A 105 12.02 30.63 6.20
C VAL A 105 11.77 29.87 4.91
N ARG A 106 12.75 29.90 4.01
CA ARG A 106 12.68 29.17 2.76
C ARG A 106 13.20 27.78 3.09
N ALA A 107 12.57 26.75 2.54
CA ALA A 107 13.02 25.36 2.73
C ALA A 107 13.45 24.91 1.35
N SER A 108 14.73 24.60 1.20
CA SER A 108 15.23 24.22 -0.10
C SER A 108 16.45 23.32 0.06
N ALA A 109 16.52 22.29 -0.76
CA ALA A 109 17.64 21.37 -0.72
C ALA A 109 17.99 20.91 -2.13
N SER A 110 19.24 20.49 -2.30
N SER A 110 19.24 20.49 -2.30
CA SER A 110 19.71 20.01 -3.59
CA SER A 110 19.70 20.00 -3.59
C SER A 110 19.91 18.49 -3.51
C SER A 110 19.91 18.50 -3.49
N PHE A 111 19.01 17.75 -4.14
CA PHE A 111 19.08 16.30 -4.14
C PHE A 111 20.36 15.77 -4.79
N GLN A 112 20.99 14.83 -4.12
CA GLN A 112 22.23 14.23 -4.60
C GLN A 112 22.01 12.80 -5.10
N ASP A 113 21.46 11.94 -4.25
CA ASP A 113 21.20 10.55 -4.62
C ASP A 113 20.45 9.81 -3.52
N LEU A 114 20.03 8.59 -3.83
CA LEU A 114 19.36 7.76 -2.86
C LEU A 114 20.45 6.83 -2.32
N GLY A 115 20.72 6.87 -1.03
CA GLY A 115 21.75 6.01 -0.47
C GLY A 115 21.37 4.54 -0.52
N GLU A 116 22.36 3.66 -0.35
CA GLU A 116 22.15 2.22 -0.36
C GLU A 116 21.15 1.76 0.69
N ASP A 117 21.08 2.51 1.78
CA ASP A 117 20.18 2.21 2.88
C ASP A 117 18.77 2.81 2.67
N GLY A 118 18.51 3.38 1.49
CA GLY A 118 17.19 3.95 1.23
C GLY A 118 16.99 5.38 1.72
N GLU A 119 18.04 6.02 2.20
CA GLU A 119 17.89 7.37 2.68
C GLU A 119 18.23 8.38 1.60
N ILE A 120 17.46 9.45 1.55
CA ILE A 120 17.67 10.50 0.57
C ILE A 120 18.83 11.38 1.01
N LYS A 121 19.84 11.50 0.16
CA LYS A 121 21.02 12.30 0.46
C LYS A 121 20.92 13.62 -0.28
N PHE A 122 21.16 14.72 0.41
CA PHE A 122 21.06 16.04 -0.18
C PHE A 122 21.99 17.05 0.47
N GLU A 123 22.11 18.22 -0.15
CA GLU A 123 22.95 19.31 0.36
C GLU A 123 22.11 20.54 0.60
N ALA A 124 22.53 21.35 1.57
CA ALA A 124 21.81 22.56 1.91
C ALA A 124 22.00 23.58 0.78
N VAL A 125 21.18 24.62 0.79
CA VAL A 125 21.21 25.68 -0.23
C VAL A 125 21.30 27.02 0.48
N GLU A 126 22.22 27.88 0.04
CA GLU A 126 22.39 29.18 0.67
C GLU A 126 21.08 29.93 0.81
N GLY A 127 20.83 30.51 1.98
CA GLY A 127 19.61 31.28 2.15
C GLY A 127 18.36 30.51 2.56
N ALA A 128 18.50 29.23 2.86
CA ALA A 128 17.32 28.45 3.25
C ALA A 128 17.70 27.28 4.14
N VAL A 129 16.73 26.76 4.89
CA VAL A 129 17.01 25.60 5.72
C VAL A 129 16.72 24.40 4.84
N ALA A 130 17.39 23.29 5.15
CA ALA A 130 17.20 22.05 4.42
C ALA A 130 16.49 21.11 5.39
N LEU A 131 15.21 20.85 5.16
CA LEU A 131 14.44 20.01 6.07
C LEU A 131 14.89 18.56 6.02
N ALA A 132 14.72 17.86 7.13
CA ALA A 132 15.10 16.45 7.22
C ALA A 132 13.86 15.63 6.85
N ASP A 133 14.07 14.41 6.39
CA ASP A 133 12.95 13.54 6.03
C ASP A 133 11.95 13.44 7.18
N ARG A 134 10.67 13.60 6.89
CA ARG A 134 9.60 13.51 7.91
C ARG A 134 9.66 14.69 8.88
N ALA A 135 10.21 15.80 8.41
CA ALA A 135 10.37 17.02 9.22
C ALA A 135 9.12 17.59 9.87
N SER A 136 9.21 17.92 11.16
CA SER A 136 8.08 18.52 11.85
C SER A 136 8.53 19.87 12.44
N SER A 137 9.82 20.16 12.28
CA SER A 137 10.38 21.42 12.76
C SER A 137 11.60 21.80 11.94
N PHE A 138 12.10 23.02 12.17
CA PHE A 138 13.32 23.48 11.53
C PHE A 138 14.03 24.35 12.57
N MET A 139 15.30 24.67 12.31
CA MET A 139 16.08 25.47 13.23
C MET A 139 16.64 26.71 12.58
N VAL A 140 16.72 27.78 13.36
CA VAL A 140 17.25 29.07 12.93
C VAL A 140 17.96 29.70 14.13
N ASP A 141 19.20 30.12 13.92
CA ASP A 141 20.00 30.74 14.98
C ASP A 141 19.88 29.96 16.29
N SER A 142 20.17 28.67 16.22
CA SER A 142 20.10 27.75 17.35
C SER A 142 18.81 27.79 18.20
N GLU A 143 17.69 27.94 17.50
CA GLU A 143 16.37 27.93 18.13
C GLU A 143 15.60 26.98 17.22
N GLU A 144 14.68 26.21 17.79
CA GLU A 144 13.89 25.29 16.97
C GLU A 144 12.45 25.78 16.84
N TYR A 145 11.88 25.57 15.66
CA TYR A 145 10.51 25.99 15.39
C TYR A 145 9.66 24.86 14.86
N LYS A 146 8.48 24.69 15.45
CA LYS A 146 7.55 23.65 15.03
C LYS A 146 6.85 24.15 13.77
N ILE A 147 6.88 23.36 12.70
CA ILE A 147 6.24 23.81 11.45
C ILE A 147 4.74 23.85 11.60
N THR A 148 4.12 24.96 11.20
CA THR A 148 2.67 25.08 11.27
C THR A 148 2.05 25.35 9.90
N ASN A 149 2.81 26.01 9.02
CA ASN A 149 2.30 26.31 7.67
C ASN A 149 3.33 26.18 6.57
N VAL A 150 2.88 25.83 5.38
CA VAL A 150 3.80 25.69 4.26
C VAL A 150 3.22 26.45 3.08
N LYS A 151 4.08 27.11 2.31
CA LYS A 151 3.61 27.86 1.16
C LYS A 151 4.52 27.49 0.03
N VAL A 152 3.93 27.06 -1.08
CA VAL A 152 4.71 26.66 -2.24
C VAL A 152 4.36 27.60 -3.41
N HIS A 153 5.36 28.31 -3.91
CA HIS A 153 5.15 29.29 -4.98
C HIS A 153 5.26 28.80 -6.41
N GLY A 154 6.05 27.78 -6.64
CA GLY A 154 6.27 27.29 -7.98
C GLY A 154 7.48 26.36 -8.09
N MET A 155 8.09 26.32 -9.27
CA MET A 155 9.20 25.44 -9.55
C MET A 155 10.56 26.11 -9.63
N LYS A 156 11.54 25.51 -8.97
CA LYS A 156 12.90 26.06 -8.96
C LYS A 156 13.67 25.80 -10.26
N PHE A 157 13.39 24.68 -10.91
CA PHE A 157 14.14 24.30 -12.08
C PHE A 157 13.36 24.09 -13.37
N VAL A 158 13.09 25.19 -14.04
CA VAL A 158 12.39 25.17 -15.32
C VAL A 158 13.46 25.42 -16.38
N PRO A 159 13.62 24.50 -17.35
CA PRO A 159 14.63 24.68 -18.40
C PRO A 159 14.20 25.83 -19.27
N VAL A 160 15.06 26.84 -19.43
CA VAL A 160 14.70 28.01 -20.23
C VAL A 160 15.78 28.48 -21.21
N ALA A 161 15.33 29.23 -22.21
CA ALA A 161 16.20 29.82 -23.24
C ALA A 161 15.97 31.31 -22.97
N VAL A 162 17.06 32.05 -22.77
CA VAL A 162 16.94 33.49 -22.47
C VAL A 162 17.65 34.36 -23.50
N PRO A 163 16.91 35.29 -24.13
CA PRO A 163 17.54 36.17 -25.12
C PRO A 163 18.59 37.02 -24.42
N HIS A 164 19.74 37.18 -25.06
CA HIS A 164 20.85 37.97 -24.50
C HIS A 164 20.41 39.25 -23.79
N GLU A 165 19.51 40.01 -24.40
CA GLU A 165 19.05 41.25 -23.79
C GLU A 165 18.20 41.08 -22.53
N LEU A 166 17.73 39.86 -22.26
CA LEU A 166 16.90 39.63 -21.08
C LEU A 166 17.65 38.91 -19.96
N LYS A 167 18.89 38.53 -20.25
CA LYS A 167 19.74 37.81 -19.31
C LYS A 167 19.76 38.42 -17.91
N GLY A 168 20.02 39.72 -17.85
CA GLY A 168 20.09 40.39 -16.56
C GLY A 168 18.81 40.26 -15.76
N ILE A 169 17.69 40.62 -16.39
CA ILE A 169 16.41 40.54 -15.72
C ILE A 169 16.09 39.11 -15.31
N ALA A 170 16.54 38.14 -16.12
CA ALA A 170 16.30 36.72 -15.85
C ALA A 170 17.01 36.31 -14.55
N LYS A 171 18.26 36.72 -14.43
CA LYS A 171 19.05 36.38 -13.25
C LYS A 171 18.49 36.98 -11.98
N GLU A 172 18.13 38.25 -11.99
CA GLU A 172 17.62 38.87 -10.78
C GLU A 172 16.15 38.62 -10.46
N LYS A 173 15.35 38.36 -11.49
CA LYS A 173 13.93 38.17 -11.26
C LYS A 173 13.46 36.70 -11.28
N PHE A 174 14.19 35.83 -11.97
CA PHE A 174 13.78 34.43 -12.06
C PHE A 174 14.90 33.48 -11.69
N HIS A 175 15.85 33.99 -10.92
CA HIS A 175 16.98 33.21 -10.46
C HIS A 175 17.56 32.35 -11.58
N PHE A 176 17.70 32.94 -12.76
CA PHE A 176 18.23 32.23 -13.89
C PHE A 176 19.69 31.86 -13.70
N VAL A 177 20.03 30.62 -14.03
CA VAL A 177 21.39 30.15 -13.90
C VAL A 177 21.74 29.30 -15.10
N GLU A 178 22.70 29.76 -15.88
CA GLU A 178 23.10 29.02 -17.06
C GLU A 178 23.52 27.63 -16.66
N ASP A 179 23.19 26.66 -17.51
CA ASP A 179 23.53 25.28 -17.23
C ASP A 179 23.79 24.57 -18.54
N SER A 180 25.00 24.03 -18.69
CA SER A 180 25.38 23.36 -19.93
C SER A 180 24.51 22.17 -20.28
N ARG A 181 23.69 21.72 -19.34
CA ARG A 181 22.81 20.57 -19.59
C ARG A 181 21.54 20.93 -20.36
N VAL A 182 21.24 22.23 -20.39
CA VAL A 182 20.06 22.72 -21.10
C VAL A 182 20.52 23.26 -22.45
N THR A 183 19.85 22.82 -23.52
CA THR A 183 20.16 23.29 -24.86
C THR A 183 18.85 23.60 -25.58
N GLU A 184 18.94 23.93 -26.86
CA GLU A 184 17.77 24.23 -27.67
C GLU A 184 16.87 23.00 -27.83
N ASN A 185 17.45 21.80 -27.67
CA ASN A 185 16.66 20.58 -27.84
C ASN A 185 16.17 19.97 -26.52
N THR A 186 16.28 20.70 -25.42
CA THR A 186 15.86 20.17 -24.12
C THR A 186 14.35 20.00 -24.06
N ASN A 187 13.88 18.84 -23.58
CA ASN A 187 12.45 18.60 -23.50
C ASN A 187 11.81 19.48 -22.42
N GLY A 188 10.82 20.28 -22.82
CA GLY A 188 10.15 21.14 -21.85
C GLY A 188 10.71 22.56 -21.82
N LEU A 189 11.68 22.82 -22.71
CA LEU A 189 12.31 24.14 -22.78
C LEU A 189 11.31 25.27 -23.01
N LYS A 190 11.34 26.28 -22.14
CA LYS A 190 10.43 27.42 -22.27
C LYS A 190 11.27 28.65 -22.58
N THR A 191 10.82 29.44 -23.57
CA THR A 191 11.58 30.62 -23.97
C THR A 191 11.13 31.91 -23.29
N MET A 192 12.09 32.68 -22.79
CA MET A 192 11.73 33.93 -22.15
C MET A 192 11.33 34.92 -23.26
N LEU A 193 10.11 35.44 -23.20
CA LEU A 193 9.57 36.35 -24.22
C LEU A 193 9.74 37.82 -23.91
N THR A 194 9.52 38.19 -22.64
CA THR A 194 9.65 39.57 -22.21
C THR A 194 10.26 39.54 -20.82
N GLU A 195 10.46 40.70 -20.21
CA GLU A 195 11.07 40.75 -18.89
C GLU A 195 10.24 40.00 -17.85
N ASP A 196 8.99 39.69 -18.16
CA ASP A 196 8.19 38.96 -17.17
C ASP A 196 7.26 37.88 -17.74
N SER A 197 7.66 37.23 -18.82
CA SER A 197 6.81 36.19 -19.39
C SER A 197 7.63 35.17 -20.13
N PHE A 198 7.16 33.92 -20.12
CA PHE A 198 7.84 32.83 -20.79
C PHE A 198 6.85 32.13 -21.72
N SER A 199 7.37 31.50 -22.75
CA SER A 199 6.54 30.83 -23.72
C SER A 199 6.12 29.44 -23.28
N ALA A 200 5.23 28.85 -24.06
CA ALA A 200 4.79 27.48 -23.83
C ALA A 200 6.05 26.65 -24.03
N ARG A 201 6.10 25.51 -23.37
CA ARG A 201 7.27 24.65 -23.47
C ARG A 201 7.32 23.94 -24.82
N LYS A 202 8.54 23.66 -25.26
CA LYS A 202 8.76 22.94 -26.51
C LYS A 202 9.08 21.49 -26.14
N VAL A 203 8.33 20.57 -26.73
CA VAL A 203 8.52 19.15 -26.47
C VAL A 203 9.60 18.57 -27.37
N SER A 204 10.38 17.65 -26.82
CA SER A 204 11.41 16.99 -27.61
C SER A 204 11.13 15.49 -27.56
N SER A 205 11.36 14.81 -28.68
CA SER A 205 11.13 13.37 -28.76
C SER A 205 12.39 12.60 -28.38
N MET A 206 13.45 13.32 -28.04
CA MET A 206 14.71 12.69 -27.65
C MET A 206 14.52 11.63 -26.58
N GLU A 207 14.98 10.41 -26.88
CA GLU A 207 14.88 9.28 -25.99
C GLU A 207 16.15 9.06 -25.17
N SER A 208 15.97 8.62 -23.93
CA SER A 208 17.08 8.36 -23.02
C SER A 208 16.83 7.01 -22.37
N PRO A 209 17.90 6.28 -22.03
CA PRO A 209 17.73 4.98 -21.39
C PRO A 209 16.86 5.04 -20.13
N HIS A 210 16.95 6.13 -19.38
CA HIS A 210 16.19 6.23 -18.14
C HIS A 210 14.75 6.66 -18.24
N ASP A 211 14.27 6.88 -19.47
CA ASP A 211 12.90 7.33 -19.66
C ASP A 211 11.88 6.38 -19.06
N LEU A 212 10.82 6.95 -18.51
CA LEU A 212 9.74 6.18 -17.92
C LEU A 212 8.52 6.24 -18.83
N VAL A 213 7.65 5.25 -18.73
CA VAL A 213 6.37 5.18 -19.44
C VAL A 213 5.35 4.67 -18.42
N VAL A 214 4.07 4.77 -18.74
CA VAL A 214 3.01 4.29 -17.86
C VAL A 214 3.03 2.75 -17.77
N ASP A 215 2.86 2.23 -16.56
CA ASP A 215 2.77 0.78 -16.33
C ASP A 215 1.24 0.61 -16.42
N THR A 216 0.53 1.17 -15.45
CA THR A 216 -0.92 1.13 -15.46
C THR A 216 -1.39 2.40 -14.81
N VAL A 217 -2.64 2.76 -15.03
CA VAL A 217 -3.17 3.93 -14.36
C VAL A 217 -4.51 3.51 -13.78
N GLY A 218 -4.70 3.81 -12.50
CA GLY A 218 -5.92 3.42 -11.83
C GLY A 218 -6.78 4.60 -11.40
N THR A 219 -8.04 4.32 -11.12
CA THR A 219 -8.95 5.36 -10.66
C THR A 219 -9.62 4.93 -9.37
N GLY A 220 -9.29 3.74 -8.88
CA GLY A 220 -9.89 3.22 -7.66
C GLY A 220 -9.22 3.57 -6.34
N TYR A 221 -8.02 4.12 -6.37
CA TYR A 221 -7.33 4.49 -5.12
C TYR A 221 -7.66 5.93 -4.81
N HIS A 222 -8.19 6.17 -3.60
CA HIS A 222 -8.49 7.52 -3.16
C HIS A 222 -7.65 7.76 -1.91
N SER A 223 -6.44 8.26 -2.13
CA SER A 223 -5.46 8.49 -1.08
C SER A 223 -5.70 9.72 -0.23
N ARG A 224 -6.43 10.70 -0.75
CA ARG A 224 -6.70 11.92 -0.02
C ARG A 224 -8.12 12.37 -0.22
N PHE A 225 -8.69 12.92 0.85
CA PHE A 225 -10.06 13.44 0.81
C PHE A 225 -10.02 14.79 0.09
N GLY A 226 -11.10 15.14 -0.62
CA GLY A 226 -11.13 16.43 -1.29
C GLY A 226 -11.15 16.45 -2.82
N SER A 227 -10.89 15.32 -3.45
CA SER A 227 -10.88 15.26 -4.91
C SER A 227 -12.16 14.63 -5.40
N ASP A 228 -12.60 15.00 -6.59
CA ASP A 228 -13.77 14.37 -7.17
C ASP A 228 -13.32 13.09 -7.85
N ALA A 229 -12.07 13.09 -8.31
CA ALA A 229 -11.51 11.91 -9.00
C ALA A 229 -9.99 11.88 -8.82
N GLU A 230 -9.42 10.68 -8.84
CA GLU A 230 -7.99 10.60 -8.65
C GLU A 230 -7.42 9.53 -9.54
N ALA A 231 -6.31 9.83 -10.19
CA ALA A 231 -5.66 8.85 -11.06
C ALA A 231 -4.36 8.45 -10.41
N SER A 232 -4.14 7.15 -10.31
CA SER A 232 -2.92 6.63 -9.72
C SER A 232 -2.07 6.16 -10.90
N VAL A 233 -1.05 6.93 -11.24
CA VAL A 233 -0.21 6.56 -12.36
C VAL A 233 0.99 5.74 -11.94
N MET A 234 0.96 4.45 -12.23
CA MET A 234 2.07 3.55 -11.91
C MET A 234 3.07 3.62 -13.08
N LEU A 235 4.34 3.76 -12.75
CA LEU A 235 5.38 3.93 -13.75
C LEU A 235 6.31 2.73 -13.89
N LYS A 236 6.90 2.60 -15.08
CA LYS A 236 7.88 1.55 -15.33
C LYS A 236 8.91 2.16 -16.29
N ARG A 237 10.02 1.46 -16.55
CA ARG A 237 11.00 2.02 -17.47
C ARG A 237 10.57 1.83 -18.94
N ALA A 238 10.98 2.75 -19.81
CA ALA A 238 10.59 2.66 -21.23
C ALA A 238 10.87 1.29 -21.84
N ASP A 239 11.95 0.63 -21.44
CA ASP A 239 12.24 -0.69 -22.02
C ASP A 239 11.40 -1.78 -21.38
N GLY A 240 10.47 -1.41 -20.50
CA GLY A 240 9.63 -2.41 -19.87
C GLY A 240 10.08 -2.91 -18.49
N SER A 241 11.33 -2.67 -18.12
CA SER A 241 11.84 -3.11 -16.82
C SER A 241 11.09 -2.39 -15.69
N GLU A 242 10.93 -3.04 -14.54
CA GLU A 242 10.27 -2.33 -13.44
C GLU A 242 11.34 -1.43 -12.86
N LEU A 243 10.93 -0.30 -12.30
CA LEU A 243 11.86 0.64 -11.72
C LEU A 243 12.40 0.24 -10.35
N SER A 244 13.68 0.57 -10.12
CA SER A 244 14.29 0.32 -8.82
C SER A 244 13.87 1.54 -7.98
N HIS A 245 14.06 1.45 -6.67
CA HIS A 245 13.68 2.55 -5.80
C HIS A 245 14.44 3.81 -6.23
N ARG A 246 15.73 3.66 -6.48
CA ARG A 246 16.58 4.77 -6.90
C ARG A 246 16.11 5.41 -8.21
N GLU A 247 15.72 4.58 -9.18
CA GLU A 247 15.25 5.14 -10.46
C GLU A 247 13.97 5.93 -10.24
N PHE A 248 13.05 5.43 -9.40
CA PHE A 248 11.82 6.17 -9.14
C PHE A 248 12.14 7.48 -8.44
N ILE A 249 13.05 7.43 -7.46
CA ILE A 249 13.40 8.66 -6.76
C ILE A 249 14.07 9.70 -7.67
N ASP A 250 14.94 9.24 -8.57
CA ASP A 250 15.61 10.18 -9.49
C ASP A 250 14.53 10.87 -10.32
N TYR A 251 13.47 10.14 -10.66
CA TYR A 251 12.37 10.74 -11.43
C TYR A 251 11.58 11.78 -10.62
N VAL A 252 11.08 11.44 -9.44
CA VAL A 252 10.30 12.45 -8.70
C VAL A 252 11.18 13.63 -8.26
N MET A 253 12.48 13.40 -8.12
CA MET A 253 13.40 14.49 -7.76
C MET A 253 13.64 15.42 -8.96
N ASN A 254 13.03 15.10 -10.11
CA ASN A 254 13.12 15.92 -11.31
C ASN A 254 11.71 16.25 -11.82
N PHE A 255 10.69 15.76 -11.13
CA PHE A 255 9.31 15.97 -11.55
C PHE A 255 8.90 17.42 -11.32
N ASN A 256 8.23 18.02 -12.30
CA ASN A 256 7.77 19.38 -12.16
C ASN A 256 6.27 19.57 -12.01
N THR A 257 5.50 19.11 -13.00
CA THR A 257 4.07 19.34 -12.94
C THR A 257 3.31 18.41 -13.89
N VAL A 258 2.00 18.61 -14.00
CA VAL A 258 1.18 17.77 -14.86
C VAL A 258 0.17 18.62 -15.62
N ARG A 259 -0.02 18.32 -16.90
CA ARG A 259 -1.04 19.05 -17.68
C ARG A 259 -2.26 18.13 -17.76
N TYR A 260 -3.47 18.68 -17.61
CA TYR A 260 -4.68 17.86 -17.76
C TYR A 260 -5.40 18.29 -19.05
N ASP A 261 -5.55 17.38 -20.01
CA ASP A 261 -6.29 17.69 -21.23
C ASP A 261 -7.63 16.98 -21.11
N TYR A 262 -8.73 17.70 -21.34
CA TYR A 262 -10.08 17.11 -21.18
C TYR A 262 -10.79 16.94 -22.51
N TYR A 263 -11.24 15.72 -22.78
CA TYR A 263 -11.94 15.35 -24.02
C TYR A 263 -13.43 15.05 -23.81
N GLY A 264 -13.95 15.47 -22.66
CA GLY A 264 -15.35 15.22 -22.34
C GLY A 264 -15.75 13.76 -22.52
N ASP A 265 -16.82 13.50 -23.25
N ASP A 265 -16.82 13.51 -23.26
CA ASP A 265 -17.26 12.13 -23.45
CA ASP A 265 -17.30 12.14 -23.49
C ASP A 265 -16.71 11.51 -24.72
C ASP A 265 -16.69 11.49 -24.71
N ASP A 266 -15.69 12.15 -25.31
CA ASP A 266 -15.08 11.62 -26.52
C ASP A 266 -14.03 10.55 -26.24
N ALA A 267 -14.48 9.30 -26.21
CA ALA A 267 -13.63 8.15 -25.96
C ALA A 267 -12.51 7.97 -27.00
N SER A 268 -12.66 8.60 -28.15
CA SER A 268 -11.64 8.48 -29.19
C SER A 268 -10.50 9.50 -29.03
N TYR A 269 -10.62 10.40 -28.05
CA TYR A 269 -9.58 11.41 -27.82
C TYR A 269 -9.27 12.21 -29.08
N THR A 270 -10.31 12.70 -29.75
CA THR A 270 -10.11 13.45 -30.98
C THR A 270 -10.44 14.93 -30.82
N ASN A 271 -11.47 15.20 -30.04
CA ASN A 271 -11.95 16.55 -29.82
C ASN A 271 -11.63 17.07 -28.43
N LEU A 272 -10.51 17.80 -28.35
CA LEU A 272 -10.04 18.40 -27.10
C LEU A 272 -11.01 19.51 -26.70
N MET A 273 -11.55 19.42 -25.48
N MET A 273 -11.56 19.41 -25.48
CA MET A 273 -12.49 20.41 -24.98
CA MET A 273 -12.50 20.41 -24.97
C MET A 273 -11.79 21.53 -24.23
C MET A 273 -11.78 21.53 -24.23
N ALA A 274 -10.78 21.17 -23.44
CA ALA A 274 -10.04 22.14 -22.66
C ALA A 274 -8.76 21.54 -22.09
N SER A 275 -7.85 22.42 -21.67
CA SER A 275 -6.58 22.03 -21.05
C SER A 275 -6.47 22.79 -19.74
N TYR A 276 -5.98 22.11 -18.69
CA TYR A 276 -5.83 22.77 -17.39
C TYR A 276 -4.42 22.57 -16.84
N GLY A 277 -3.93 23.58 -16.12
CA GLY A 277 -2.63 23.48 -15.49
C GLY A 277 -2.89 22.94 -14.08
N THR A 278 -1.84 22.56 -13.35
CA THR A 278 -2.01 22.02 -11.99
C THR A 278 -0.93 22.60 -11.07
N LYS A 279 -1.10 22.36 -9.76
CA LYS A 279 -0.14 22.81 -8.75
C LYS A 279 0.14 21.58 -7.88
N HIS A 280 1.41 21.28 -7.69
CA HIS A 280 1.76 20.11 -6.90
C HIS A 280 1.20 20.25 -5.49
N SER A 281 1.03 19.11 -4.81
CA SER A 281 0.48 19.06 -3.45
C SER A 281 -1.04 19.17 -3.49
N ALA A 282 -1.56 20.26 -4.05
CA ALA A 282 -3.00 20.38 -4.15
C ALA A 282 -3.56 19.41 -5.21
N ASP A 283 -2.88 19.26 -6.34
CA ASP A 283 -3.38 18.43 -7.45
C ASP A 283 -2.60 17.17 -7.75
N SER A 284 -1.34 17.14 -7.35
CA SER A 284 -0.54 15.96 -7.59
C SER A 284 0.37 15.68 -6.40
N TRP A 285 0.72 14.43 -6.19
CA TRP A 285 1.60 14.10 -5.08
C TRP A 285 2.28 12.76 -5.27
N TRP A 286 3.38 12.57 -4.57
CA TRP A 286 4.15 11.34 -4.61
C TRP A 286 4.82 11.18 -3.25
N LYS A 287 5.21 9.95 -2.95
CA LYS A 287 5.86 9.61 -1.69
C LYS A 287 7.26 9.12 -1.98
N THR A 288 8.11 9.10 -0.96
CA THR A 288 9.49 8.68 -1.16
C THR A 288 9.65 7.17 -1.04
N GLY A 289 8.55 6.49 -0.77
CA GLY A 289 8.58 5.05 -0.64
C GLY A 289 8.92 4.30 -1.93
N ARG A 290 8.83 2.98 -1.85
CA ARG A 290 9.16 2.12 -2.97
C ARG A 290 8.11 1.92 -4.09
N VAL A 291 6.86 2.31 -3.87
CA VAL A 291 5.87 2.14 -4.94
C VAL A 291 6.06 3.28 -5.95
N PRO A 292 6.33 2.96 -7.23
CA PRO A 292 6.53 3.99 -8.27
C PRO A 292 5.24 4.59 -8.76
N ARG A 293 4.61 5.39 -7.91
CA ARG A 293 3.34 5.98 -8.28
C ARG A 293 3.28 7.48 -8.14
N ILE A 294 2.55 8.12 -9.04
CA ILE A 294 2.33 9.54 -8.94
C ILE A 294 0.82 9.67 -9.02
N SER A 295 0.25 10.35 -8.04
CA SER A 295 -1.18 10.54 -7.97
C SER A 295 -1.54 11.91 -8.49
N CYS A 296 -2.62 11.98 -9.25
CA CYS A 296 -3.11 13.23 -9.82
C CYS A 296 -4.58 13.31 -9.43
N GLY A 297 -4.98 14.39 -8.78
CA GLY A 297 -6.38 14.50 -8.42
C GLY A 297 -7.04 15.68 -9.08
N ILE A 298 -8.37 15.64 -9.22
CA ILE A 298 -9.06 16.77 -9.78
C ILE A 298 -10.34 17.02 -9.01
N ASN A 299 -10.67 18.29 -8.86
CA ASN A 299 -11.90 18.68 -8.18
C ASN A 299 -12.58 19.58 -9.20
N TYR A 300 -13.72 19.15 -9.72
CA TYR A 300 -14.43 19.89 -10.77
C TYR A 300 -14.86 21.28 -10.37
N GLY A 301 -14.83 21.54 -9.06
CA GLY A 301 -15.23 22.85 -8.58
C GLY A 301 -14.15 23.87 -8.39
N PHE A 302 -12.88 23.52 -8.60
CA PHE A 302 -11.83 24.53 -8.44
C PHE A 302 -11.89 25.46 -9.64
N ASP A 303 -11.46 26.69 -9.46
CA ASP A 303 -11.49 27.65 -10.55
C ASP A 303 -10.54 27.26 -11.69
N ARG A 304 -9.37 26.71 -11.36
CA ARG A 304 -8.45 26.32 -12.43
C ARG A 304 -8.95 25.13 -13.25
N PHE A 305 -10.05 24.50 -12.81
CA PHE A 305 -10.62 23.36 -13.53
C PHE A 305 -12.05 23.68 -13.99
N LYS A 306 -12.38 24.96 -14.07
CA LYS A 306 -13.71 25.37 -14.48
C LYS A 306 -14.10 24.71 -15.79
N GLY A 307 -15.23 24.00 -15.80
CA GLY A 307 -15.72 23.36 -17.00
C GLY A 307 -15.43 21.88 -17.05
N SER A 308 -14.62 21.39 -16.13
CA SER A 308 -14.28 19.98 -16.12
C SER A 308 -15.42 19.16 -15.53
N GLY A 309 -15.37 17.86 -15.75
CA GLY A 309 -16.40 16.97 -15.23
C GLY A 309 -15.99 15.55 -15.55
N PRO A 310 -16.87 14.59 -15.29
CA PRO A 310 -16.56 13.19 -15.57
C PRO A 310 -16.25 13.10 -17.07
N GLY A 311 -15.48 12.09 -17.47
CA GLY A 311 -15.14 11.95 -18.86
C GLY A 311 -13.72 11.46 -19.08
N TYR A 312 -13.22 11.70 -20.29
CA TYR A 312 -11.90 11.25 -20.68
C TYR A 312 -10.84 12.32 -20.54
N TYR A 313 -9.75 11.94 -19.90
CA TYR A 313 -8.64 12.86 -19.70
C TYR A 313 -7.34 12.28 -20.21
N ARG A 314 -6.44 13.19 -20.57
CA ARG A 314 -5.11 12.81 -21.00
C ARG A 314 -4.21 13.60 -20.05
N LEU A 315 -3.41 12.89 -19.26
CA LEU A 315 -2.52 13.53 -18.30
C LEU A 315 -1.09 13.50 -18.83
N THR A 316 -0.38 14.61 -18.76
CA THR A 316 0.99 14.65 -19.24
C THR A 316 1.93 15.01 -18.10
N LEU A 317 2.72 14.04 -17.63
CA LEU A 317 3.67 14.30 -16.51
C LEU A 317 4.93 14.93 -17.10
N ILE A 318 5.36 16.03 -16.48
CA ILE A 318 6.49 16.82 -16.93
C ILE A 318 7.63 16.81 -15.90
N ALA A 319 8.77 16.29 -16.32
CA ALA A 319 9.96 16.16 -15.47
C ALA A 319 11.24 16.46 -16.26
N ASN A 320 12.17 17.19 -15.63
CA ASN A 320 13.46 17.54 -16.26
C ASN A 320 14.29 16.33 -16.67
N GLY A 321 14.71 16.33 -17.94
CA GLY A 321 15.56 15.25 -18.44
C GLY A 321 14.86 13.98 -18.84
N TYR A 322 13.55 13.94 -18.71
CA TYR A 322 12.78 12.76 -19.07
C TYR A 322 11.75 13.08 -20.15
N ARG A 323 11.48 12.10 -21.02
N ARG A 323 11.46 12.10 -21.01
CA ARG A 323 10.44 12.28 -22.02
CA ARG A 323 10.44 12.25 -22.04
C ARG A 323 9.13 12.44 -21.24
C ARG A 323 9.12 12.41 -21.26
N ASP A 324 8.19 13.22 -21.78
CA ASP A 324 6.90 13.41 -21.12
C ASP A 324 6.24 12.02 -20.95
N VAL A 325 5.44 11.83 -19.91
CA VAL A 325 4.76 10.55 -19.69
C VAL A 325 3.29 10.87 -19.88
N VAL A 326 2.65 10.27 -20.87
CA VAL A 326 1.27 10.60 -21.15
C VAL A 326 0.37 9.44 -20.70
N ALA A 327 -0.65 9.76 -19.90
CA ALA A 327 -1.55 8.74 -19.37
C ALA A 327 -3.01 9.07 -19.68
N ASP A 328 -3.72 8.14 -20.30
CA ASP A 328 -5.13 8.36 -20.60
C ASP A 328 -6.00 7.69 -19.54
N VAL A 329 -6.98 8.42 -19.03
N VAL A 329 -6.97 8.43 -19.02
CA VAL A 329 -7.88 7.88 -18.01
CA VAL A 329 -7.85 7.89 -17.98
C VAL A 329 -9.30 8.34 -18.19
C VAL A 329 -9.29 8.36 -18.17
N ARG A 330 -10.22 7.56 -17.65
CA ARG A 330 -11.63 7.91 -17.73
C ARG A 330 -12.21 7.95 -16.30
N PHE A 331 -12.86 9.06 -15.97
CA PHE A 331 -13.52 9.20 -14.67
C PHE A 331 -15.03 9.07 -14.94
N LEU A 332 -15.64 8.06 -14.35
CA LEU A 332 -17.05 7.76 -14.55
C LEU A 332 -17.95 8.73 -13.83
N PRO A 333 -19.13 9.03 -14.41
CA PRO A 333 -20.02 9.95 -13.74
C PRO A 333 -20.73 9.17 -12.63
N LYS A 334 -21.34 9.89 -11.70
CA LYS A 334 -22.03 9.22 -10.62
C LYS A 334 -23.41 8.77 -11.09
N TYR A 335 -23.80 7.57 -10.65
CA TYR A 335 -25.11 7.04 -10.99
C TYR A 335 -26.08 7.82 -10.12
N GLU A 336 -27.13 8.36 -10.72
CA GLU A 336 -28.09 9.12 -9.94
C GLU A 336 -29.35 8.34 -9.56
N GLY A 337 -29.40 7.95 -8.28
CA GLY A 337 -30.53 7.22 -7.71
C GLY A 337 -31.17 6.04 -8.43
N ASN A 338 -32.03 5.35 -7.68
CA ASN A 338 -32.80 4.20 -8.16
C ASN A 338 -32.13 2.85 -8.39
N ILE A 339 -31.77 2.21 -7.27
CA ILE A 339 -31.16 0.89 -7.30
C ILE A 339 -31.61 0.17 -6.03
N ASP A 340 -32.32 -0.95 -6.19
CA ASP A 340 -32.82 -1.72 -5.06
C ASP A 340 -32.18 -3.09 -4.99
N ILE A 341 -31.54 -3.38 -3.86
CA ILE A 341 -30.85 -4.65 -3.65
C ILE A 341 -31.44 -5.51 -2.54
N GLY A 342 -31.72 -6.77 -2.86
CA GLY A 342 -32.27 -7.69 -1.88
C GLY A 342 -31.43 -8.95 -1.72
N LEU A 343 -31.32 -9.44 -0.50
CA LEU A 343 -30.56 -10.65 -0.20
C LEU A 343 -31.42 -11.67 0.57
N LYS A 344 -31.62 -12.85 -0.05
CA LYS A 344 -32.41 -13.92 0.57
C LYS A 344 -31.96 -15.30 0.12
N GLY A 345 -31.45 -16.08 1.07
CA GLY A 345 -30.98 -17.41 0.76
C GLY A 345 -29.68 -17.31 0.00
N LYS A 346 -29.71 -17.73 -1.26
CA LYS A 346 -28.53 -17.67 -2.13
C LYS A 346 -28.80 -16.70 -3.28
N VAL A 347 -29.92 -16.01 -3.20
CA VAL A 347 -30.35 -15.09 -4.24
C VAL A 347 -30.14 -13.61 -3.97
N LEU A 348 -29.55 -12.92 -4.94
CA LEU A 348 -29.33 -11.48 -4.84
C LEU A 348 -30.23 -10.85 -5.92
N THR A 349 -31.14 -9.98 -5.50
CA THR A 349 -32.05 -9.35 -6.44
C THR A 349 -31.77 -7.86 -6.58
N ILE A 350 -31.70 -7.41 -7.83
CA ILE A 350 -31.43 -6.01 -8.13
C ILE A 350 -32.58 -5.43 -8.97
N GLY A 351 -33.07 -4.28 -8.55
CA GLY A 351 -34.14 -3.63 -9.29
C GLY A 351 -34.06 -2.12 -9.20
N GLY A 352 -34.96 -1.43 -9.89
CA GLY A 352 -34.97 0.02 -9.85
C GLY A 352 -34.18 0.70 -10.95
N ALA A 353 -33.39 -0.07 -11.69
CA ALA A 353 -32.59 0.49 -12.76
C ALA A 353 -32.85 -0.23 -14.08
N ASP A 354 -32.51 0.43 -15.18
CA ASP A 354 -32.70 -0.14 -16.51
C ASP A 354 -31.87 -1.41 -16.66
N ALA A 355 -32.33 -2.33 -17.50
CA ALA A 355 -31.60 -3.56 -17.74
C ALA A 355 -30.27 -3.19 -18.42
N GLU A 356 -30.29 -2.05 -19.10
CA GLU A 356 -29.12 -1.55 -19.81
C GLU A 356 -28.04 -1.12 -18.80
N THR A 357 -28.45 -0.32 -17.81
CA THR A 357 -27.56 0.18 -16.78
C THR A 357 -26.82 -0.96 -16.08
N LEU A 358 -27.49 -2.10 -15.93
CA LEU A 358 -26.91 -3.24 -15.26
C LEU A 358 -26.21 -4.24 -16.16
N MET A 359 -26.02 -3.88 -17.43
CA MET A 359 -25.33 -4.78 -18.35
C MET A 359 -23.85 -4.84 -17.99
N ASP A 360 -23.34 -6.06 -17.81
CA ASP A 360 -21.95 -6.27 -17.44
C ASP A 360 -21.68 -5.73 -16.04
N ALA A 361 -22.73 -5.57 -15.23
CA ALA A 361 -22.56 -5.08 -13.86
C ALA A 361 -21.94 -6.19 -13.03
N ALA A 362 -21.37 -5.85 -11.89
CA ALA A 362 -20.77 -6.87 -11.03
C ALA A 362 -20.90 -6.40 -9.59
N VAL A 363 -20.77 -7.32 -8.64
CA VAL A 363 -20.89 -6.97 -7.24
C VAL A 363 -19.89 -7.68 -6.35
N ASP A 364 -19.74 -7.13 -5.15
CA ASP A 364 -18.91 -7.70 -4.10
C ASP A 364 -19.88 -7.62 -2.91
N VAL A 365 -19.85 -8.61 -2.02
CA VAL A 365 -20.72 -8.55 -0.84
C VAL A 365 -19.88 -8.98 0.33
N PHE A 366 -19.92 -8.20 1.41
CA PHE A 366 -19.15 -8.51 2.60
C PHE A 366 -19.80 -7.95 3.85
N ALA A 367 -19.76 -8.73 4.93
CA ALA A 367 -20.31 -8.32 6.23
C ALA A 367 -19.21 -7.54 6.93
N ASP A 368 -19.58 -6.50 7.68
CA ASP A 368 -18.59 -5.66 8.36
C ASP A 368 -17.35 -6.36 8.89
N GLY A 369 -16.20 -5.83 8.51
CA GLY A 369 -14.92 -6.36 8.95
C GLY A 369 -14.52 -7.75 8.52
N GLN A 370 -15.36 -8.42 7.74
CA GLN A 370 -15.05 -9.78 7.30
C GLN A 370 -14.62 -9.88 5.84
N PRO A 371 -13.92 -10.97 5.48
CA PRO A 371 -13.46 -11.15 4.10
C PRO A 371 -14.69 -11.18 3.21
N LYS A 372 -14.53 -10.83 1.94
CA LYS A 372 -15.67 -10.81 1.03
C LYS A 372 -16.33 -12.17 0.87
N LEU A 373 -17.64 -12.19 1.09
CA LEU A 373 -18.43 -13.39 0.94
C LEU A 373 -18.62 -13.63 -0.58
N VAL A 374 -18.87 -12.54 -1.31
CA VAL A 374 -19.08 -12.57 -2.76
C VAL A 374 -18.10 -11.59 -3.40
N SER A 375 -17.35 -12.02 -4.41
CA SER A 375 -16.43 -11.09 -5.07
C SER A 375 -16.37 -11.31 -6.58
N ASP A 376 -16.19 -10.23 -7.33
CA ASP A 376 -16.11 -10.30 -8.80
C ASP A 376 -17.22 -11.21 -9.34
N GLN A 377 -18.43 -10.91 -8.89
CA GLN A 377 -19.63 -11.64 -9.25
C GLN A 377 -20.42 -10.83 -10.27
N ALA A 378 -20.47 -11.34 -11.50
CA ALA A 378 -21.23 -10.66 -12.56
C ALA A 378 -22.71 -10.81 -12.22
N VAL A 379 -23.49 -9.78 -12.47
CA VAL A 379 -24.92 -9.84 -12.18
C VAL A 379 -25.70 -9.04 -13.24
N SER A 380 -27.02 -9.14 -13.20
CA SER A 380 -27.89 -8.41 -14.11
C SER A 380 -29.18 -8.06 -13.35
N LEU A 381 -30.04 -7.26 -13.96
CA LEU A 381 -31.29 -6.87 -13.32
C LEU A 381 -32.12 -8.09 -12.95
N GLY A 382 -32.77 -8.03 -11.80
CA GLY A 382 -33.59 -9.15 -11.37
C GLY A 382 -32.93 -10.05 -10.34
N GLN A 383 -33.29 -11.32 -10.35
CA GLN A 383 -32.72 -12.27 -9.41
C GLN A 383 -31.43 -12.87 -9.91
N ASN A 384 -30.48 -13.02 -8.99
CA ASN A 384 -29.17 -13.60 -9.28
C ASN A 384 -28.91 -14.71 -8.26
N VAL A 385 -28.99 -15.96 -8.73
CA VAL A 385 -28.76 -17.13 -7.89
C VAL A 385 -27.26 -17.31 -7.67
N LEU A 386 -26.79 -17.04 -6.46
CA LEU A 386 -25.37 -17.14 -6.17
C LEU A 386 -24.94 -18.45 -5.52
N SER A 387 -23.67 -18.54 -5.20
CA SER A 387 -23.11 -19.75 -4.61
C SER A 387 -23.15 -19.70 -3.09
N ALA A 388 -22.97 -18.50 -2.54
CA ALA A 388 -22.95 -18.32 -1.10
C ALA A 388 -24.34 -18.15 -0.51
N ASP A 389 -24.43 -18.44 0.79
CA ASP A 389 -25.68 -18.31 1.52
C ASP A 389 -25.60 -17.06 2.35
N PHE A 390 -26.62 -16.21 2.24
CA PHE A 390 -26.67 -14.98 3.00
C PHE A 390 -27.45 -15.29 4.26
N THR A 391 -26.73 -15.37 5.38
CA THR A 391 -27.33 -15.70 6.68
C THR A 391 -28.30 -14.61 7.13
N PRO A 392 -29.59 -14.95 7.22
CA PRO A 392 -30.62 -14.00 7.65
C PRO A 392 -30.17 -13.25 8.89
N GLY A 393 -30.56 -11.98 8.99
CA GLY A 393 -30.18 -11.19 10.14
C GLY A 393 -28.85 -10.47 9.97
N THR A 394 -27.91 -11.11 9.28
CA THR A 394 -26.60 -10.49 9.08
C THR A 394 -26.71 -9.34 8.07
N GLU A 395 -26.15 -8.20 8.44
CA GLU A 395 -26.15 -7.03 7.56
C GLU A 395 -24.89 -7.05 6.71
N TYR A 396 -25.09 -7.12 5.40
CA TYR A 396 -23.96 -7.14 4.49
C TYR A 396 -23.88 -5.85 3.71
N THR A 397 -22.69 -5.53 3.23
CA THR A 397 -22.50 -4.34 2.43
C THR A 397 -22.44 -4.87 0.99
N VAL A 398 -23.27 -4.31 0.11
CA VAL A 398 -23.27 -4.73 -1.29
C VAL A 398 -22.69 -3.62 -2.17
N GLU A 399 -21.60 -3.90 -2.85
CA GLU A 399 -21.03 -2.88 -3.73
C GLU A 399 -21.30 -3.24 -5.18
N VAL A 400 -22.04 -2.38 -5.87
CA VAL A 400 -22.39 -2.60 -7.26
C VAL A 400 -21.48 -1.77 -8.17
N ARG A 401 -20.80 -2.44 -9.10
CA ARG A 401 -19.92 -1.74 -10.03
C ARG A 401 -20.61 -1.71 -11.40
N PHE A 402 -20.83 -0.52 -11.94
CA PHE A 402 -21.46 -0.39 -13.24
C PHE A 402 -20.42 -0.20 -14.33
N LYS A 403 -20.82 -0.48 -15.56
CA LYS A 403 -19.93 -0.33 -16.71
C LYS A 403 -19.73 1.16 -17.03
N GLU A 404 -20.78 1.95 -16.91
CA GLU A 404 -20.72 3.37 -17.25
C GLU A 404 -20.94 4.36 -16.11
N PHE A 405 -20.96 3.91 -14.86
CA PHE A 405 -21.17 4.82 -13.73
C PHE A 405 -20.28 4.43 -12.56
N GLY A 406 -20.05 5.38 -11.66
CA GLY A 406 -19.24 5.10 -10.48
C GLY A 406 -19.96 4.03 -9.64
N SER A 407 -19.21 3.22 -8.94
CA SER A 407 -19.83 2.16 -8.15
C SER A 407 -20.60 2.72 -6.97
N VAL A 408 -21.60 1.95 -6.53
CA VAL A 408 -22.41 2.34 -5.37
C VAL A 408 -22.40 1.20 -4.37
N ARG A 409 -22.43 1.55 -3.08
CA ARG A 409 -22.48 0.54 -2.04
C ARG A 409 -23.61 0.86 -1.07
N ALA A 410 -24.38 -0.16 -0.72
CA ALA A 410 -25.48 0.02 0.20
C ALA A 410 -25.47 -1.09 1.26
N LYS A 411 -26.08 -0.81 2.41
CA LYS A 411 -26.16 -1.79 3.51
C LYS A 411 -27.43 -2.59 3.28
N VAL A 412 -27.32 -3.92 3.34
CA VAL A 412 -28.49 -4.77 3.13
C VAL A 412 -28.55 -5.89 4.18
N VAL A 413 -29.75 -6.09 4.75
CA VAL A 413 -29.93 -7.15 5.73
C VAL A 413 -30.67 -8.30 5.06
N ALA A 414 -30.07 -9.49 5.08
CA ALA A 414 -30.67 -10.65 4.45
C ALA A 414 -31.90 -11.14 5.23
N GLU B 7 25.23 -44.22 5.51
CA GLU B 7 25.52 -42.89 6.12
C GLU B 7 24.23 -42.12 6.42
N THR B 8 24.21 -40.86 5.97
CA THR B 8 23.08 -39.97 6.15
C THR B 8 22.95 -39.12 4.89
N SER B 9 21.74 -39.06 4.31
CA SER B 9 21.53 -38.25 3.11
C SER B 9 20.84 -36.93 3.46
N TYR B 10 21.17 -35.88 2.71
CA TYR B 10 20.64 -34.55 2.94
C TYR B 10 19.86 -33.99 1.76
N GLY B 11 18.75 -33.32 2.05
CA GLY B 11 17.93 -32.74 1.02
C GLY B 11 16.66 -32.09 1.57
N TYR B 12 15.65 -32.00 0.72
CA TYR B 12 14.37 -31.40 1.09
C TYR B 12 13.28 -32.44 1.12
N ALA B 13 12.33 -32.25 2.04
CA ALA B 13 11.20 -33.16 2.18
C ALA B 13 9.95 -32.34 2.42
N THR B 14 8.81 -32.91 2.08
CA THR B 14 7.54 -32.24 2.23
C THR B 14 6.90 -32.69 3.53
N LEU B 15 6.69 -31.75 4.46
CA LEU B 15 6.08 -32.07 5.75
C LEU B 15 4.80 -31.28 6.00
N SER B 16 3.80 -31.97 6.54
CA SER B 16 2.56 -31.32 6.90
C SER B 16 2.87 -30.37 8.06
N TYR B 17 1.97 -29.44 8.33
CA TYR B 17 2.21 -28.53 9.45
C TYR B 17 2.40 -29.33 10.76
N ALA B 18 1.58 -30.35 10.98
CA ALA B 18 1.73 -31.17 12.20
C ALA B 18 3.08 -31.89 12.24
N ASP B 19 3.50 -32.47 11.10
CA ASP B 19 4.80 -33.17 11.01
C ASP B 19 5.93 -32.21 11.33
N TYR B 20 5.81 -30.97 10.86
CA TYR B 20 6.87 -29.99 11.08
C TYR B 20 6.96 -29.51 12.54
N TRP B 21 5.82 -29.16 13.10
CA TRP B 21 5.83 -28.59 14.43
C TRP B 21 5.93 -29.59 15.58
N ALA B 22 5.64 -30.86 15.33
CA ALA B 22 5.73 -31.87 16.39
C ALA B 22 7.08 -31.80 17.11
N GLY B 23 8.16 -31.86 16.34
CA GLY B 23 9.47 -31.81 16.95
C GLY B 23 9.85 -30.46 17.54
N GLU B 24 9.30 -29.37 17.00
CA GLU B 24 9.62 -28.03 17.47
C GLU B 24 8.99 -27.76 18.82
N LEU B 25 7.81 -28.34 19.06
CA LEU B 25 7.11 -28.11 20.31
C LEU B 25 7.23 -29.29 21.29
N GLY B 26 8.02 -30.30 20.90
CA GLY B 26 8.18 -31.47 21.75
C GLY B 26 6.85 -32.19 21.94
N GLN B 27 6.08 -32.34 20.87
CA GLN B 27 4.78 -33.01 20.96
C GLN B 27 4.76 -34.14 19.92
N SER B 28 3.58 -34.65 19.57
CA SER B 28 3.52 -35.69 18.54
C SER B 28 2.59 -35.19 17.44
N ARG B 29 2.74 -35.74 16.25
CA ARG B 29 1.88 -35.33 15.15
C ARG B 29 0.41 -35.43 15.52
N ASP B 30 0.01 -36.57 16.09
CA ASP B 30 -1.39 -36.78 16.44
C ASP B 30 -1.95 -35.80 17.41
N VAL B 31 -1.13 -35.36 18.36
CA VAL B 31 -1.58 -34.37 19.32
C VAL B 31 -1.76 -33.01 18.63
N LEU B 32 -1.03 -32.78 17.55
CA LEU B 32 -1.16 -31.51 16.84
C LEU B 32 -2.27 -31.52 15.76
N LEU B 33 -2.96 -32.64 15.64
CA LEU B 33 -4.06 -32.76 14.68
C LEU B 33 -5.36 -32.91 15.45
N ALA B 34 -6.36 -32.11 15.13
CA ALA B 34 -7.63 -32.21 15.86
C ALA B 34 -8.75 -32.73 14.96
N ASP B 40 -13.74 -24.68 5.88
CA ASP B 40 -14.61 -23.68 6.48
C ASP B 40 -15.52 -23.01 5.46
N ARG B 41 -16.14 -21.93 5.90
CA ARG B 41 -17.05 -21.12 5.10
C ARG B 41 -16.53 -19.69 5.27
N ALA B 42 -16.90 -18.79 4.37
CA ALA B 42 -16.43 -17.41 4.46
C ALA B 42 -16.81 -16.83 5.81
N GLY B 43 -15.87 -16.16 6.46
CA GLY B 43 -16.14 -15.60 7.77
C GLY B 43 -15.57 -16.42 8.91
N ASP B 44 -15.32 -17.71 8.66
CA ASP B 44 -14.75 -18.60 9.66
C ASP B 44 -13.26 -18.36 9.85
N LEU B 45 -12.78 -18.57 11.07
CA LEU B 45 -11.36 -18.42 11.33
C LEU B 45 -10.86 -19.86 11.47
N ASP B 46 -9.57 -20.08 11.22
CA ASP B 46 -8.98 -21.41 11.38
C ASP B 46 -8.54 -21.38 12.84
N ALA B 47 -9.45 -21.75 13.74
CA ALA B 47 -9.20 -21.69 15.17
C ALA B 47 -8.75 -22.98 15.83
N GLY B 48 -8.39 -23.98 15.05
CA GLY B 48 -7.98 -25.26 15.64
C GLY B 48 -6.49 -25.42 15.86
N MET B 49 -6.05 -26.66 15.68
CA MET B 49 -4.66 -27.01 15.84
C MET B 49 -3.92 -26.93 14.50
N PHE B 50 -3.22 -27.99 14.10
CA PHE B 50 -2.44 -27.92 12.86
C PHE B 50 -2.93 -28.69 11.63
N ASP B 51 -4.19 -29.09 11.63
CA ASP B 51 -4.80 -29.80 10.50
C ASP B 51 -4.81 -28.88 9.29
N ALA B 52 -4.89 -29.47 8.09
CA ALA B 52 -4.89 -28.68 6.86
C ALA B 52 -5.83 -27.48 6.78
N VAL B 53 -5.22 -26.31 6.51
CA VAL B 53 -5.91 -25.02 6.35
C VAL B 53 -6.85 -25.01 5.11
N SER B 54 -8.13 -25.40 5.26
CA SER B 54 -9.10 -25.42 4.15
C SER B 54 -10.15 -24.31 4.22
N ARG B 55 -9.82 -23.14 3.67
CA ARG B 55 -10.67 -21.97 3.72
C ARG B 55 -11.29 -21.43 2.44
N ALA B 56 -12.29 -20.57 2.63
CA ALA B 56 -12.99 -19.92 1.53
C ALA B 56 -12.10 -18.76 1.08
N THR B 57 -11.89 -18.64 -0.21
CA THR B 57 -11.04 -17.56 -0.70
C THR B 57 -11.10 -17.35 -2.20
N HIS B 58 -10.66 -16.16 -2.58
CA HIS B 58 -10.58 -15.63 -3.94
C HIS B 58 -9.53 -16.32 -4.81
N GLY B 59 -8.41 -16.71 -4.18
CA GLY B 59 -7.34 -17.36 -4.92
C GLY B 59 -6.02 -16.60 -5.01
N HIS B 60 -5.99 -15.33 -4.62
CA HIS B 60 -4.75 -14.57 -4.71
C HIS B 60 -3.72 -15.16 -3.76
N GLY B 61 -4.18 -15.62 -2.60
CA GLY B 61 -3.26 -16.21 -1.65
C GLY B 61 -2.78 -17.55 -2.19
N ALA B 62 -3.63 -18.21 -2.96
CA ALA B 62 -3.28 -19.50 -3.52
C ALA B 62 -2.05 -19.37 -4.42
N PHE B 63 -1.99 -18.33 -5.26
CA PHE B 63 -0.84 -18.14 -6.13
C PHE B 63 0.45 -18.01 -5.31
N ARG B 64 0.39 -17.17 -4.30
CA ARG B 64 1.56 -16.94 -3.42
C ARG B 64 2.03 -18.20 -2.71
N GLN B 65 1.09 -19.02 -2.24
CA GLN B 65 1.49 -20.23 -1.51
C GLN B 65 1.90 -21.45 -2.32
N GLN B 66 1.55 -21.46 -3.62
CA GLN B 66 1.86 -22.62 -4.46
C GLN B 66 3.35 -22.87 -4.61
N PHE B 67 4.15 -21.85 -4.32
CA PHE B 67 5.58 -22.03 -4.46
C PHE B 67 6.26 -22.84 -3.34
N GLN B 68 6.00 -22.47 -2.09
CA GLN B 68 6.62 -23.14 -0.95
C GLN B 68 5.73 -24.12 -0.20
N TYR B 69 4.43 -24.06 -0.44
CA TYR B 69 3.47 -24.91 0.29
C TYR B 69 2.74 -25.94 -0.57
N ALA B 70 2.24 -26.98 0.10
CA ALA B 70 1.47 -28.06 -0.54
C ALA B 70 0.05 -27.51 -0.54
N VAL B 71 -0.42 -27.07 -1.69
CA VAL B 71 -1.73 -26.44 -1.79
C VAL B 71 -2.72 -27.13 -2.72
N GLU B 72 -3.99 -27.11 -2.32
CA GLU B 72 -5.06 -27.62 -3.19
C GLU B 72 -6.08 -26.50 -3.29
N VAL B 73 -6.67 -26.34 -4.47
CA VAL B 73 -7.69 -25.34 -4.64
C VAL B 73 -8.93 -26.01 -5.21
N LEU B 74 -10.08 -25.47 -4.83
CA LEU B 74 -11.38 -25.95 -5.29
C LEU B 74 -12.00 -24.80 -6.08
N GLY B 75 -12.60 -25.11 -7.22
CA GLY B 75 -13.23 -24.08 -8.03
C GLY B 75 -14.56 -24.49 -8.63
N GLU B 76 -15.36 -23.51 -9.03
CA GLU B 76 -16.67 -23.76 -9.63
C GLU B 76 -16.60 -23.50 -11.13
N LYS B 77 -17.26 -24.33 -11.90
CA LYS B 77 -17.26 -24.18 -13.35
C LYS B 77 -17.70 -22.79 -13.78
N VAL B 78 -16.89 -22.19 -14.65
CA VAL B 78 -17.20 -20.86 -15.17
C VAL B 78 -18.19 -20.96 -16.35
N LEU B 79 -19.26 -20.18 -16.29
CA LEU B 79 -20.30 -20.11 -17.32
C LEU B 79 -20.09 -18.87 -18.17
N SER B 80 -19.55 -17.82 -17.58
CA SER B 80 -19.27 -16.62 -18.36
C SER B 80 -18.33 -15.72 -17.61
N LYS B 81 -17.60 -14.88 -18.32
CA LYS B 81 -16.72 -13.95 -17.65
C LYS B 81 -16.50 -12.72 -18.51
N GLN B 82 -16.17 -11.62 -17.85
CA GLN B 82 -15.98 -10.33 -18.48
C GLN B 82 -14.74 -9.66 -17.87
N GLU B 83 -13.95 -9.01 -18.70
CA GLU B 83 -12.75 -8.39 -18.19
C GLU B 83 -13.04 -6.98 -17.68
N THR B 84 -12.38 -6.58 -16.60
CA THR B 84 -12.55 -5.26 -16.07
C THR B 84 -11.18 -4.85 -15.50
N GLU B 85 -11.10 -3.74 -14.76
CA GLU B 85 -9.82 -3.34 -14.19
C GLU B 85 -9.95 -3.17 -12.70
N ASP B 86 -8.91 -3.50 -11.93
CA ASP B 86 -8.99 -3.28 -10.50
C ASP B 86 -8.64 -1.81 -10.24
N SER B 87 -8.48 -1.45 -8.96
CA SER B 87 -8.17 -0.09 -8.53
C SER B 87 -6.91 0.50 -9.09
N ARG B 88 -5.92 -0.33 -9.31
CA ARG B 88 -4.64 0.14 -9.82
C ARG B 88 -4.60 0.17 -11.34
N GLY B 89 -5.67 -0.27 -11.99
CA GLY B 89 -5.68 -0.26 -13.45
C GLY B 89 -5.23 -1.57 -14.09
N ARG B 90 -5.08 -2.62 -13.28
CA ARG B 90 -4.68 -3.93 -13.79
C ARG B 90 -5.93 -4.71 -14.19
N LYS B 91 -5.81 -5.53 -15.23
CA LYS B 91 -6.94 -6.33 -15.70
C LYS B 91 -7.33 -7.42 -14.71
N LYS B 92 -8.63 -7.63 -14.55
CA LYS B 92 -9.14 -8.69 -13.68
C LYS B 92 -10.45 -9.18 -14.32
N TRP B 93 -11.00 -10.28 -13.80
N TRP B 93 -11.00 -10.28 -13.82
CA TRP B 93 -12.22 -10.86 -14.38
CA TRP B 93 -12.24 -10.82 -14.38
C TRP B 93 -13.37 -11.01 -13.41
C TRP B 93 -13.38 -10.89 -13.38
N GLU B 94 -14.59 -10.81 -13.91
CA GLU B 94 -15.81 -10.94 -13.11
C GLU B 94 -16.49 -12.15 -13.75
N TYR B 95 -16.99 -13.04 -12.91
CA TYR B 95 -17.54 -14.32 -13.36
C TYR B 95 -18.95 -14.68 -13.00
N GLU B 96 -19.41 -15.72 -13.71
CA GLU B 96 -20.70 -16.35 -13.48
C GLU B 96 -20.28 -17.82 -13.44
N THR B 97 -20.74 -18.55 -12.43
CA THR B 97 -20.34 -19.94 -12.33
C THR B 97 -21.51 -20.86 -12.06
N ASP B 98 -21.24 -22.16 -12.14
CA ASP B 98 -22.27 -23.17 -11.85
C ASP B 98 -21.76 -23.84 -10.58
N PRO B 99 -22.36 -23.52 -9.42
CA PRO B 99 -21.90 -24.13 -8.17
C PRO B 99 -21.95 -25.65 -8.11
N SER B 100 -22.78 -26.29 -8.94
CA SER B 100 -22.90 -27.75 -8.90
C SER B 100 -21.78 -28.50 -9.61
N VAL B 101 -20.96 -27.78 -10.37
CA VAL B 101 -19.87 -28.46 -11.06
C VAL B 101 -18.55 -27.92 -10.51
N THR B 102 -17.90 -28.71 -9.67
CA THR B 102 -16.64 -28.29 -9.08
C THR B 102 -15.49 -29.23 -9.42
N LYS B 103 -14.28 -28.76 -9.20
CA LYS B 103 -13.10 -29.54 -9.45
C LYS B 103 -12.07 -29.13 -8.42
N MET B 104 -11.26 -30.08 -7.97
N MET B 104 -11.26 -30.08 -7.98
CA MET B 104 -10.21 -29.81 -6.99
CA MET B 104 -10.21 -29.82 -6.99
C MET B 104 -8.90 -30.28 -7.58
C MET B 104 -8.90 -30.28 -7.57
N VAL B 105 -7.90 -29.41 -7.56
CA VAL B 105 -6.60 -29.75 -8.09
C VAL B 105 -5.53 -29.25 -7.16
N ARG B 106 -4.33 -29.77 -7.34
CA ARG B 106 -3.20 -29.31 -6.57
C ARG B 106 -2.65 -28.10 -7.34
N ALA B 107 -2.20 -27.06 -6.63
CA ALA B 107 -1.63 -25.88 -7.26
C ALA B 107 -0.20 -25.87 -6.78
N SER B 108 0.74 -25.95 -7.70
CA SER B 108 2.15 -26.01 -7.31
C SER B 108 3.02 -25.48 -8.42
N ALA B 109 4.03 -24.70 -8.07
CA ALA B 109 4.92 -24.17 -9.08
C ALA B 109 6.30 -24.10 -8.48
N SER B 110 7.32 -24.16 -9.34
CA SER B 110 8.70 -24.08 -8.91
C SER B 110 9.23 -22.70 -9.31
N PHE B 111 9.49 -21.87 -8.31
CA PHE B 111 9.98 -20.52 -8.51
C PHE B 111 11.37 -20.51 -9.15
N GLN B 112 11.51 -19.72 -10.21
CA GLN B 112 12.81 -19.60 -10.91
C GLN B 112 13.47 -18.26 -10.59
N ASP B 113 12.76 -17.15 -10.79
CA ASP B 113 13.33 -15.84 -10.51
C ASP B 113 12.36 -14.70 -10.75
N LEU B 114 12.75 -13.50 -10.33
CA LEU B 114 11.92 -12.33 -10.58
C LEU B 114 12.46 -11.70 -11.87
N GLY B 115 11.62 -11.60 -12.90
CA GLY B 115 12.05 -11.01 -14.16
C GLY B 115 12.35 -9.53 -14.03
N GLU B 116 13.12 -9.00 -14.99
CA GLU B 116 13.49 -7.58 -14.99
C GLU B 116 12.24 -6.72 -15.04
N ASP B 117 11.20 -7.28 -15.64
CA ASP B 117 9.91 -6.61 -15.76
C ASP B 117 9.06 -6.72 -14.50
N GLY B 118 9.61 -7.32 -13.45
CA GLY B 118 8.87 -7.45 -12.21
C GLY B 118 7.90 -8.61 -12.15
N GLU B 119 7.92 -9.49 -13.15
CA GLU B 119 7.01 -10.62 -13.12
C GLU B 119 7.71 -11.88 -12.59
N ILE B 120 6.96 -12.67 -11.85
CA ILE B 120 7.52 -13.88 -11.27
C ILE B 120 7.59 -14.98 -12.33
N LYS B 121 8.79 -15.52 -12.53
CA LYS B 121 8.98 -16.57 -13.51
C LYS B 121 9.05 -17.89 -12.75
N PHE B 122 8.40 -18.91 -13.29
CA PHE B 122 8.39 -20.19 -12.61
C PHE B 122 8.03 -21.26 -13.60
N GLU B 123 8.16 -22.52 -13.20
CA GLU B 123 7.75 -23.58 -14.08
C GLU B 123 6.77 -24.48 -13.38
N ALA B 124 5.98 -25.19 -14.18
CA ALA B 124 4.95 -26.08 -13.71
C ALA B 124 5.54 -27.28 -13.02
N VAL B 125 4.68 -27.98 -12.29
CA VAL B 125 5.05 -29.16 -11.55
C VAL B 125 4.10 -30.30 -11.94
N GLU B 126 4.70 -31.45 -12.25
CA GLU B 126 3.95 -32.64 -12.64
C GLU B 126 2.82 -32.95 -11.66
N GLY B 127 1.61 -33.12 -12.18
CA GLY B 127 0.49 -33.46 -11.33
C GLY B 127 -0.27 -32.30 -10.70
N ALA B 128 0.12 -31.09 -11.04
CA ALA B 128 -0.56 -29.94 -10.47
C ALA B 128 -0.64 -28.78 -11.46
N VAL B 129 -1.58 -27.86 -11.25
CA VAL B 129 -1.66 -26.69 -12.10
C VAL B 129 -0.77 -25.62 -11.51
N ALA B 130 -0.35 -24.67 -12.34
CA ALA B 130 0.48 -23.57 -11.90
C ALA B 130 -0.39 -22.34 -12.05
N LEU B 131 -0.82 -21.77 -10.93
CA LEU B 131 -1.67 -20.59 -10.95
C LEU B 131 -0.87 -19.40 -11.45
N ALA B 132 -1.57 -18.45 -12.07
CA ALA B 132 -0.94 -17.22 -12.57
C ALA B 132 -1.04 -16.19 -11.46
N ASP B 133 -0.18 -15.19 -11.51
CA ASP B 133 -0.17 -14.14 -10.52
C ASP B 133 -1.56 -13.53 -10.43
N ARG B 134 -2.06 -13.32 -9.21
CA ARG B 134 -3.40 -12.77 -8.96
C ARG B 134 -4.51 -13.63 -9.59
N ALA B 135 -4.25 -14.91 -9.74
CA ALA B 135 -5.22 -15.84 -10.34
C ALA B 135 -6.53 -15.92 -9.58
N SER B 136 -7.63 -16.01 -10.33
CA SER B 136 -8.93 -16.14 -9.71
C SER B 136 -9.58 -17.43 -10.23
N SER B 137 -8.90 -18.12 -11.13
CA SER B 137 -9.44 -19.36 -11.69
C SER B 137 -8.31 -20.25 -12.13
N PHE B 138 -8.63 -21.48 -12.53
CA PHE B 138 -7.65 -22.43 -13.02
C PHE B 138 -8.27 -23.30 -14.14
N MET B 139 -7.42 -23.93 -14.93
CA MET B 139 -7.86 -24.78 -16.05
C MET B 139 -7.75 -26.27 -15.79
N VAL B 140 -8.82 -27.00 -16.14
CA VAL B 140 -8.84 -28.45 -16.01
C VAL B 140 -9.44 -29.00 -17.31
N ASP B 141 -8.61 -29.72 -18.08
CA ASP B 141 -9.04 -30.29 -19.35
C ASP B 141 -9.68 -29.21 -20.21
N SER B 142 -8.98 -28.10 -20.38
CA SER B 142 -9.50 -27.03 -21.22
C SER B 142 -10.76 -26.35 -20.70
N GLU B 143 -11.18 -26.68 -19.49
CA GLU B 143 -12.34 -26.01 -18.90
C GLU B 143 -11.83 -25.16 -17.74
N GLU B 144 -12.47 -24.02 -17.49
CA GLU B 144 -12.06 -23.09 -16.45
C GLU B 144 -12.97 -23.12 -15.23
N TYR B 145 -12.36 -22.99 -14.06
CA TYR B 145 -13.09 -23.00 -12.80
C TYR B 145 -12.64 -21.82 -11.94
N LYS B 146 -13.60 -21.12 -11.35
CA LYS B 146 -13.31 -19.98 -10.49
C LYS B 146 -12.97 -20.49 -9.08
N ILE B 147 -11.77 -20.17 -8.61
CA ILE B 147 -11.33 -20.60 -7.28
C ILE B 147 -12.29 -20.17 -6.19
N THR B 148 -12.68 -21.11 -5.32
CA THR B 148 -13.58 -20.75 -4.22
C THR B 148 -13.02 -21.14 -2.84
N ASN B 149 -12.12 -22.11 -2.82
CA ASN B 149 -11.52 -22.58 -1.57
C ASN B 149 -10.09 -22.99 -1.79
N VAL B 150 -9.30 -22.92 -0.71
CA VAL B 150 -7.90 -23.31 -0.77
C VAL B 150 -7.62 -24.11 0.48
N LYS B 151 -6.77 -25.12 0.34
CA LYS B 151 -6.42 -25.97 1.47
C LYS B 151 -4.91 -26.10 1.43
N VAL B 152 -4.25 -25.71 2.52
CA VAL B 152 -2.80 -25.78 2.60
C VAL B 152 -2.42 -26.83 3.65
N HIS B 153 -1.61 -27.83 3.26
CA HIS B 153 -1.24 -28.93 4.15
C HIS B 153 0.06 -28.79 4.91
N GLY B 154 0.98 -28.01 4.34
CA GLY B 154 2.29 -27.87 4.92
C GLY B 154 3.30 -27.28 3.95
N MET B 155 4.56 -27.57 4.22
CA MET B 155 5.65 -27.04 3.44
C MET B 155 6.32 -28.06 2.53
N LYS B 156 6.52 -27.66 1.27
CA LYS B 156 7.12 -28.56 0.30
C LYS B 156 8.61 -28.78 0.49
N PHE B 157 9.31 -27.74 0.93
CA PHE B 157 10.76 -27.81 1.10
C PHE B 157 11.32 -27.58 2.53
N VAL B 158 11.41 -28.66 3.29
CA VAL B 158 11.96 -28.61 4.64
C VAL B 158 13.34 -29.28 4.57
N PRO B 159 14.41 -28.59 4.98
CA PRO B 159 15.73 -29.22 4.92
C PRO B 159 15.83 -30.35 5.95
N VAL B 160 16.14 -31.55 5.47
CA VAL B 160 16.24 -32.69 6.37
C VAL B 160 17.50 -33.54 6.23
N ALA B 161 17.77 -34.31 7.29
CA ALA B 161 18.89 -35.26 7.33
C ALA B 161 18.15 -36.58 7.49
N VAL B 162 18.38 -37.50 6.57
CA VAL B 162 17.69 -38.79 6.59
C VAL B 162 18.66 -39.95 6.75
N PRO B 163 18.48 -40.76 7.81
CA PRO B 163 19.37 -41.89 8.05
C PRO B 163 19.17 -42.90 6.93
N HIS B 164 20.24 -43.56 6.52
CA HIS B 164 20.20 -44.55 5.46
C HIS B 164 19.00 -45.50 5.54
N GLU B 165 18.77 -46.08 6.70
CA GLU B 165 17.66 -47.02 6.87
C GLU B 165 16.29 -46.41 6.60
N LEU B 166 16.18 -45.09 6.66
CA LEU B 166 14.90 -44.43 6.44
C LEU B 166 14.73 -43.84 5.05
N LYS B 167 15.84 -43.75 4.32
CA LYS B 167 15.87 -43.18 2.98
C LYS B 167 14.69 -43.57 2.09
N GLY B 168 14.28 -44.84 2.16
CA GLY B 168 13.19 -45.29 1.32
C GLY B 168 11.83 -44.77 1.67
N ILE B 169 11.47 -44.82 2.95
CA ILE B 169 10.17 -44.35 3.36
C ILE B 169 10.11 -42.83 3.21
N ALA B 170 11.26 -42.18 3.38
CA ALA B 170 11.37 -40.73 3.26
C ALA B 170 10.96 -40.28 1.85
N LYS B 171 11.51 -40.93 0.84
CA LYS B 171 11.20 -40.62 -0.55
C LYS B 171 9.74 -40.92 -0.88
N GLU B 172 9.23 -42.02 -0.35
CA GLU B 172 7.85 -42.41 -0.61
C GLU B 172 6.78 -41.65 0.16
N LYS B 173 7.04 -41.40 1.44
CA LYS B 173 6.06 -40.75 2.30
C LYS B 173 6.20 -39.23 2.49
N PHE B 174 7.42 -38.72 2.39
CA PHE B 174 7.65 -37.29 2.58
C PHE B 174 8.32 -36.63 1.38
N HIS B 175 8.16 -37.24 0.21
CA HIS B 175 8.72 -36.72 -1.02
C HIS B 175 10.16 -36.26 -0.86
N PHE B 176 10.94 -37.02 -0.11
CA PHE B 176 12.34 -36.66 0.08
C PHE B 176 13.12 -36.69 -1.22
N VAL B 177 13.91 -35.65 -1.43
CA VAL B 177 14.75 -35.53 -2.63
C VAL B 177 16.12 -35.01 -2.17
N GLU B 178 17.17 -35.78 -2.42
CA GLU B 178 18.50 -35.35 -2.02
C GLU B 178 18.84 -34.04 -2.69
N ASP B 179 19.67 -33.23 -2.04
CA ASP B 179 20.03 -31.93 -2.59
C ASP B 179 21.36 -31.46 -2.01
N SER B 180 22.36 -31.27 -2.87
CA SER B 180 23.69 -30.84 -2.43
C SER B 180 23.71 -29.50 -1.72
N ARG B 181 22.61 -28.75 -1.79
CA ARG B 181 22.55 -27.46 -1.11
C ARG B 181 22.32 -27.66 0.39
N VAL B 182 21.78 -28.82 0.76
CA VAL B 182 21.52 -29.14 2.16
C VAL B 182 22.64 -30.02 2.73
N THR B 183 23.25 -29.58 3.83
CA THR B 183 24.32 -30.31 4.50
C THR B 183 24.05 -30.35 6.01
N GLU B 184 24.96 -30.96 6.78
CA GLU B 184 24.77 -31.04 8.23
C GLU B 184 24.81 -29.66 8.89
N ASN B 185 25.30 -28.66 8.19
CA ASN B 185 25.39 -27.31 8.75
C ASN B 185 24.26 -26.37 8.32
N THR B 186 23.29 -26.89 7.57
CA THR B 186 22.19 -26.09 7.07
C THR B 186 21.30 -25.53 8.17
N ASN B 187 21.00 -24.24 8.11
CA ASN B 187 20.15 -23.62 9.12
C ASN B 187 18.74 -24.15 9.02
N GLY B 188 18.23 -24.74 10.10
CA GLY B 188 16.86 -25.24 10.08
C GLY B 188 16.73 -26.71 9.80
N LEU B 189 17.87 -27.39 9.71
CA LEU B 189 17.91 -28.82 9.43
C LEU B 189 17.15 -29.63 10.46
N LYS B 190 16.23 -30.48 10.02
CA LYS B 190 15.47 -31.34 10.92
C LYS B 190 15.86 -32.78 10.59
N THR B 191 16.07 -33.60 11.62
CA THR B 191 16.49 -34.98 11.41
C THR B 191 15.35 -35.98 11.49
N MET B 192 15.23 -36.83 10.48
CA MET B 192 14.17 -37.82 10.49
C MET B 192 14.53 -38.79 11.61
N LEU B 193 13.61 -38.96 12.57
CA LEU B 193 13.84 -39.82 13.73
C LEU B 193 13.27 -41.22 13.56
N THR B 194 12.11 -41.32 12.93
CA THR B 194 11.49 -42.60 12.70
C THR B 194 10.82 -42.54 11.34
N GLU B 195 10.12 -43.61 10.98
CA GLU B 195 9.45 -43.68 9.70
C GLU B 195 8.42 -42.57 9.54
N ASP B 196 8.00 -41.96 10.63
CA ASP B 196 7.00 -40.91 10.53
C ASP B 196 7.19 -39.73 11.48
N SER B 197 8.44 -39.37 11.77
CA SER B 197 8.68 -38.25 12.68
C SER B 197 10.02 -37.58 12.46
N PHE B 198 10.07 -36.26 12.64
CA PHE B 198 11.30 -35.50 12.46
C PHE B 198 11.60 -34.69 13.72
N SER B 199 12.88 -34.47 13.96
CA SER B 199 13.34 -33.73 15.13
C SER B 199 13.15 -32.23 15.02
N ALA B 200 13.41 -31.53 16.13
CA ALA B 200 13.37 -30.08 16.17
C ALA B 200 14.51 -29.67 15.23
N ARG B 201 14.37 -28.51 14.61
CA ARG B 201 15.37 -28.01 13.68
C ARG B 201 16.63 -27.56 14.40
N LYS B 202 17.76 -27.67 13.72
CA LYS B 202 19.01 -27.22 14.29
C LYS B 202 19.30 -25.84 13.71
N VAL B 203 19.60 -24.88 14.57
CA VAL B 203 19.91 -23.53 14.12
C VAL B 203 21.40 -23.38 13.82
N SER B 204 21.72 -22.73 12.72
CA SER B 204 23.12 -22.48 12.36
C SER B 204 23.37 -20.98 12.36
N SER B 205 24.53 -20.57 12.81
CA SER B 205 24.86 -19.15 12.84
C SER B 205 25.57 -18.71 11.55
N MET B 206 25.69 -19.64 10.60
CA MET B 206 26.35 -19.35 9.33
C MET B 206 25.78 -18.08 8.71
N GLU B 207 26.63 -17.12 8.39
CA GLU B 207 26.18 -15.87 7.81
C GLU B 207 26.45 -15.79 6.31
N SER B 208 25.48 -15.24 5.59
CA SER B 208 25.56 -15.07 4.14
C SER B 208 25.25 -13.62 3.78
N PRO B 209 25.81 -13.14 2.66
CA PRO B 209 25.58 -11.76 2.20
C PRO B 209 24.10 -11.42 2.00
N HIS B 210 23.30 -12.40 1.60
CA HIS B 210 21.87 -12.14 1.35
C HIS B 210 20.99 -12.18 2.60
N ASP B 211 21.58 -12.46 3.77
CA ASP B 211 20.81 -12.52 5.01
C ASP B 211 20.03 -11.24 5.29
N LEU B 212 18.82 -11.40 5.82
CA LEU B 212 17.96 -10.29 6.19
C LEU B 212 17.91 -10.13 7.71
N VAL B 213 17.64 -8.90 8.14
CA VAL B 213 17.48 -8.57 9.54
C VAL B 213 16.28 -7.64 9.62
N VAL B 214 15.83 -7.36 10.83
CA VAL B 214 14.69 -6.49 11.05
C VAL B 214 15.04 -5.04 10.73
N ASP B 215 14.16 -4.34 10.01
CA ASP B 215 14.40 -2.92 9.75
C ASP B 215 13.58 -2.23 10.86
N THR B 216 12.28 -2.46 10.84
CA THR B 216 11.37 -1.92 11.88
C THR B 216 10.23 -2.91 12.06
N VAL B 217 9.50 -2.77 13.16
CA VAL B 217 8.36 -3.64 13.46
C VAL B 217 7.18 -2.79 13.83
N GLY B 218 6.05 -3.01 13.15
CA GLY B 218 4.83 -2.28 13.46
C GLY B 218 3.84 -3.21 14.16
N THR B 219 2.90 -2.64 14.92
CA THR B 219 1.93 -3.43 15.65
C THR B 219 0.52 -2.90 15.36
N GLY B 220 -0.44 -3.82 15.19
CA GLY B 220 -1.81 -3.41 14.92
C GLY B 220 -2.80 -4.27 15.69
N TYR B 221 -4.03 -3.80 15.86
CA TYR B 221 -5.03 -4.58 16.59
C TYR B 221 -6.32 -4.84 15.81
N HIS B 222 -6.56 -4.11 14.72
CA HIS B 222 -7.75 -4.35 13.90
C HIS B 222 -7.31 -4.33 12.46
N SER B 223 -6.17 -4.93 12.17
CA SER B 223 -5.64 -4.90 10.82
C SER B 223 -6.13 -6.00 9.89
N ARG B 224 -6.39 -7.18 10.43
CA ARG B 224 -6.85 -8.29 9.62
C ARG B 224 -7.95 -8.98 10.38
N PHE B 225 -8.98 -9.40 9.66
CA PHE B 225 -10.09 -10.08 10.31
C PHE B 225 -9.61 -11.28 11.14
N GLY B 226 -10.07 -11.36 12.37
CA GLY B 226 -9.68 -12.50 13.18
C GLY B 226 -8.46 -12.40 14.09
N SER B 227 -7.55 -11.46 13.86
CA SER B 227 -6.40 -11.37 14.74
C SER B 227 -6.64 -10.46 15.95
N ASP B 228 -6.23 -10.92 17.13
CA ASP B 228 -6.33 -10.10 18.34
C ASP B 228 -5.22 -9.05 18.27
N ALA B 229 -4.10 -9.45 17.67
CA ALA B 229 -2.96 -8.57 17.52
C ALA B 229 -2.12 -9.04 16.35
N GLU B 230 -1.38 -8.12 15.75
CA GLU B 230 -0.58 -8.46 14.61
C GLU B 230 0.69 -7.64 14.57
N ALA B 231 1.77 -8.23 14.06
CA ALA B 231 3.03 -7.52 13.96
C ALA B 231 3.44 -7.51 12.50
N SER B 232 3.89 -6.34 12.04
CA SER B 232 4.33 -6.17 10.67
C SER B 232 5.83 -5.99 10.71
N VAL B 233 6.56 -7.00 10.27
CA VAL B 233 8.00 -6.91 10.30
C VAL B 233 8.53 -6.37 8.96
N MET B 234 9.13 -5.18 8.97
CA MET B 234 9.73 -4.64 7.75
C MET B 234 11.17 -5.17 7.76
N LEU B 235 11.64 -5.63 6.61
CA LEU B 235 12.98 -6.22 6.51
C LEU B 235 14.02 -5.42 5.72
N LYS B 236 15.30 -5.65 6.04
CA LYS B 236 16.39 -5.01 5.30
C LYS B 236 17.54 -6.01 5.28
N ARG B 237 18.58 -5.71 4.49
CA ARG B 237 19.70 -6.62 4.38
C ARG B 237 20.60 -6.50 5.61
N ALA B 238 21.28 -7.59 5.93
CA ALA B 238 22.16 -7.63 7.10
C ALA B 238 23.16 -6.46 7.16
N ASP B 239 23.67 -6.04 6.00
CA ASP B 239 24.62 -4.94 5.98
C ASP B 239 23.97 -3.57 6.11
N GLY B 240 22.66 -3.53 6.36
CA GLY B 240 21.99 -2.24 6.50
C GLY B 240 21.35 -1.72 5.22
N SER B 241 21.68 -2.31 4.08
CA SER B 241 21.13 -1.89 2.79
C SER B 241 19.64 -2.20 2.68
N GLU B 242 18.94 -1.36 1.92
CA GLU B 242 17.52 -1.55 1.67
C GLU B 242 17.42 -2.66 0.64
N LEU B 243 16.43 -3.53 0.80
CA LEU B 243 16.25 -4.64 -0.11
C LEU B 243 15.65 -4.20 -1.44
N SER B 244 16.11 -4.84 -2.52
CA SER B 244 15.57 -4.61 -3.86
C SER B 244 14.34 -5.51 -3.93
N HIS B 245 13.47 -5.29 -4.92
CA HIS B 245 12.26 -6.11 -5.07
C HIS B 245 12.72 -7.55 -5.25
N ARG B 246 13.77 -7.75 -6.03
CA ARG B 246 14.26 -9.09 -6.26
C ARG B 246 14.78 -9.77 -4.98
N GLU B 247 15.48 -9.03 -4.14
CA GLU B 247 15.98 -9.64 -2.91
C GLU B 247 14.83 -10.03 -1.97
N PHE B 248 13.78 -9.23 -1.92
CA PHE B 248 12.64 -9.56 -1.06
C PHE B 248 11.91 -10.76 -1.61
N ILE B 249 11.71 -10.78 -2.92
CA ILE B 249 11.02 -11.93 -3.51
C ILE B 249 11.78 -13.23 -3.26
N ASP B 250 13.11 -13.20 -3.38
CA ASP B 250 13.89 -14.42 -3.16
C ASP B 250 13.64 -14.90 -1.72
N TYR B 251 13.50 -13.96 -0.79
CA TYR B 251 13.25 -14.36 0.59
C TYR B 251 11.86 -14.99 0.76
N VAL B 252 10.79 -14.32 0.33
CA VAL B 252 9.48 -14.94 0.53
C VAL B 252 9.35 -16.23 -0.25
N MET B 253 10.11 -16.37 -1.34
CA MET B 253 10.01 -17.61 -2.13
C MET B 253 10.73 -18.75 -1.42
N ASN B 254 11.44 -18.42 -0.33
CA ASN B 254 12.12 -19.44 0.47
C ASN B 254 11.57 -19.46 1.91
N PHE B 255 10.59 -18.59 2.16
CA PHE B 255 9.98 -18.51 3.49
C PHE B 255 9.16 -19.74 3.83
N ASN B 256 9.33 -20.24 5.05
CA ASN B 256 8.57 -21.39 5.47
C ASN B 256 7.54 -21.09 6.57
N THR B 257 8.02 -20.62 7.72
CA THR B 257 7.11 -20.43 8.84
C THR B 257 7.63 -19.49 9.92
N VAL B 258 6.86 -19.35 11.01
CA VAL B 258 7.23 -18.48 12.12
C VAL B 258 6.95 -19.16 13.45
N ARG B 259 7.90 -19.03 14.37
CA ARG B 259 7.72 -19.57 15.71
C ARG B 259 7.36 -18.40 16.62
N TYR B 260 6.38 -18.59 17.49
CA TYR B 260 6.04 -17.53 18.45
C TYR B 260 6.55 -17.99 19.84
N ASP B 261 7.38 -17.21 20.52
CA ASP B 261 7.79 -17.54 21.89
C ASP B 261 7.14 -16.43 22.73
N TYR B 262 6.43 -16.85 23.78
CA TYR B 262 5.67 -15.94 24.64
C TYR B 262 6.30 -15.80 26.03
N TYR B 263 6.56 -14.55 26.41
CA TYR B 263 7.19 -14.25 27.70
C TYR B 263 6.23 -13.63 28.71
N GLY B 264 4.94 -13.77 28.46
CA GLY B 264 3.95 -13.21 29.37
C GLY B 264 4.18 -11.73 29.61
N ASP B 265 4.15 -11.29 30.86
N ASP B 265 4.16 -11.33 30.87
CA ASP B 265 4.36 -9.88 31.12
CA ASP B 265 4.36 -9.94 31.24
C ASP B 265 5.83 -9.53 31.38
C ASP B 265 5.81 -9.59 31.51
N ASP B 266 6.72 -10.49 31.17
CA ASP B 266 8.16 -10.25 31.40
C ASP B 266 8.86 -9.45 30.30
N ALA B 267 8.90 -8.13 30.48
CA ALA B 267 9.53 -7.21 29.52
C ALA B 267 11.02 -7.46 29.34
N SER B 268 11.63 -8.22 30.25
CA SER B 268 13.07 -8.48 30.10
C SER B 268 13.37 -9.71 29.22
N TYR B 269 12.33 -10.41 28.76
CA TYR B 269 12.53 -11.61 27.93
C TYR B 269 13.45 -12.66 28.61
N THR B 270 13.19 -12.89 29.88
CA THR B 270 13.97 -13.84 30.64
C THR B 270 13.22 -15.14 30.92
N ASN B 271 11.95 -15.03 31.25
CA ASN B 271 11.16 -16.21 31.60
C ASN B 271 10.18 -16.66 30.50
N LEU B 272 10.63 -17.58 29.65
CA LEU B 272 9.78 -18.07 28.55
C LEU B 272 8.58 -18.82 29.15
N MET B 273 7.39 -18.43 28.72
N MET B 273 7.38 -18.41 28.74
CA MET B 273 6.17 -19.05 29.24
CA MET B 273 6.15 -19.03 29.23
C MET B 273 5.62 -20.16 28.35
C MET B 273 5.66 -20.18 28.34
N ALA B 274 5.80 -20.01 27.04
CA ALA B 274 5.33 -21.03 26.09
C ALA B 274 5.78 -20.69 24.65
N SER B 275 5.73 -21.70 23.78
CA SER B 275 6.09 -21.55 22.36
C SER B 275 4.92 -22.08 21.52
N TYR B 276 4.64 -21.43 20.40
CA TYR B 276 3.56 -21.85 19.52
C TYR B 276 4.05 -21.94 18.08
N GLY B 277 3.46 -22.86 17.34
CA GLY B 277 3.78 -23.02 15.92
C GLY B 277 2.71 -22.21 15.20
N THR B 278 2.90 -21.97 13.90
CA THR B 278 1.93 -21.20 13.13
C THR B 278 1.70 -21.85 11.77
N LYS B 279 0.66 -21.38 11.09
CA LYS B 279 0.33 -21.89 9.75
C LYS B 279 0.22 -20.68 8.84
N HIS B 280 0.86 -20.73 7.68
CA HIS B 280 0.83 -19.57 6.81
C HIS B 280 -0.58 -19.29 6.32
N SER B 281 -0.84 -18.02 6.03
CA SER B 281 -2.14 -17.54 5.56
C SER B 281 -3.08 -17.36 6.74
N ALA B 282 -3.16 -18.34 7.62
CA ALA B 282 -4.01 -18.16 8.78
C ALA B 282 -3.32 -17.25 9.82
N ASP B 283 -2.02 -17.45 10.03
CA ASP B 283 -1.27 -16.70 11.05
C ASP B 283 -0.20 -15.76 10.55
N SER B 284 0.18 -15.92 9.28
CA SER B 284 1.21 -15.05 8.72
C SER B 284 0.89 -14.79 7.26
N TRP B 285 1.37 -13.67 6.75
CA TRP B 285 1.10 -13.37 5.36
C TRP B 285 2.07 -12.36 4.81
N TRP B 286 2.19 -12.36 3.48
CA TRP B 286 3.06 -11.43 2.78
C TRP B 286 2.52 -11.31 1.35
N LYS B 287 2.92 -10.24 0.65
CA LYS B 287 2.51 -9.99 -0.73
C LYS B 287 3.76 -10.02 -1.61
N THR B 288 3.58 -9.95 -2.93
CA THR B 288 4.72 -9.99 -3.85
C THR B 288 5.09 -8.59 -4.33
N GLY B 289 4.56 -7.58 -3.66
CA GLY B 289 4.85 -6.21 -4.00
C GLY B 289 6.25 -5.78 -3.60
N ARG B 290 6.49 -4.48 -3.68
CA ARG B 290 7.81 -3.93 -3.38
C ARG B 290 8.14 -3.68 -1.90
N VAL B 291 7.14 -3.69 -1.03
CA VAL B 291 7.38 -3.45 0.39
C VAL B 291 7.82 -4.75 1.05
N PRO B 292 9.05 -4.79 1.58
CA PRO B 292 9.63 -5.97 2.22
C PRO B 292 9.05 -6.22 3.60
N ARG B 293 7.78 -6.59 3.62
CA ARG B 293 7.08 -6.79 4.87
C ARG B 293 6.51 -8.21 5.05
N ILE B 294 6.59 -8.73 6.26
CA ILE B 294 6.00 -10.02 6.56
C ILE B 294 5.18 -9.76 7.80
N SER B 295 3.90 -10.13 7.78
CA SER B 295 3.02 -9.91 8.94
C SER B 295 2.70 -11.22 9.66
N CYS B 296 2.65 -11.14 10.99
CA CYS B 296 2.39 -12.29 11.85
C CYS B 296 1.27 -11.89 12.78
N GLY B 297 0.24 -12.72 12.89
CA GLY B 297 -0.85 -12.38 13.77
C GLY B 297 -1.16 -13.50 14.74
N ILE B 298 -2.00 -13.19 15.73
CA ILE B 298 -2.36 -14.22 16.69
C ILE B 298 -3.77 -13.98 17.19
N ASN B 299 -4.47 -15.07 17.49
CA ASN B 299 -5.80 -14.95 18.09
C ASN B 299 -5.68 -15.81 19.32
N TYR B 300 -5.78 -15.19 20.50
CA TYR B 300 -5.59 -15.92 21.75
C TYR B 300 -6.55 -17.09 21.94
N GLY B 301 -7.64 -17.08 21.19
CA GLY B 301 -8.62 -18.16 21.33
C GLY B 301 -8.42 -19.38 20.45
N PHE B 302 -7.42 -19.38 19.57
CA PHE B 302 -7.20 -20.54 18.71
C PHE B 302 -6.59 -21.66 19.53
N ASP B 303 -6.93 -22.90 19.23
CA ASP B 303 -6.38 -24.00 20.01
C ASP B 303 -4.86 -24.07 19.96
N ARG B 304 -4.26 -23.74 18.80
CA ARG B 304 -2.81 -23.80 18.71
C ARG B 304 -2.10 -22.71 19.50
N PHE B 305 -2.87 -21.77 20.04
CA PHE B 305 -2.32 -20.68 20.86
C PHE B 305 -2.89 -20.71 22.28
N LYS B 306 -3.41 -21.87 22.68
CA LYS B 306 -4.01 -22.03 23.99
C LYS B 306 -3.08 -21.53 25.10
N GLY B 307 -3.56 -20.58 25.91
CA GLY B 307 -2.78 -20.06 27.01
C GLY B 307 -2.07 -18.75 26.68
N SER B 308 -2.13 -18.34 25.42
CA SER B 308 -1.45 -17.12 25.03
C SER B 308 -2.32 -15.97 25.46
N GLY B 309 -1.77 -14.77 25.42
CA GLY B 309 -2.55 -13.60 25.78
C GLY B 309 -1.68 -12.38 25.57
N PRO B 310 -2.15 -11.19 25.94
CA PRO B 310 -1.35 -9.99 25.76
C PRO B 310 0.01 -10.14 26.47
N GLY B 311 1.02 -9.40 26.01
CA GLY B 311 2.32 -9.52 26.61
C GLY B 311 3.45 -9.42 25.59
N TYR B 312 4.61 -9.94 25.97
CA TYR B 312 5.82 -9.89 25.16
C TYR B 312 6.05 -11.17 24.40
N TYR B 313 6.26 -10.98 23.10
CA TYR B 313 6.49 -12.10 22.21
C TYR B 313 7.81 -11.93 21.48
N ARG B 314 8.37 -13.06 21.08
CA ARG B 314 9.59 -13.09 20.30
C ARG B 314 9.19 -13.92 19.09
N LEU B 315 9.29 -13.32 17.90
CA LEU B 315 8.92 -13.99 16.65
C LEU B 315 10.18 -14.42 15.92
N THR B 316 10.21 -15.66 15.43
CA THR B 316 11.36 -16.11 14.68
C THR B 316 10.91 -16.52 13.28
N LEU B 317 11.34 -15.78 12.26
CA LEU B 317 11.00 -16.07 10.86
C LEU B 317 11.97 -17.15 10.34
N ILE B 318 11.43 -18.21 9.77
CA ILE B 318 12.20 -19.34 9.27
C ILE B 318 12.09 -19.47 7.76
N ALA B 319 13.23 -19.39 7.09
CA ALA B 319 13.28 -19.45 5.63
C ALA B 319 14.52 -20.21 5.15
N ASN B 320 14.36 -21.03 4.11
CA ASN B 320 15.46 -21.83 3.58
C ASN B 320 16.62 -21.01 3.09
N GLY B 321 17.82 -21.34 3.59
CA GLY B 321 19.02 -20.66 3.16
C GLY B 321 19.31 -19.33 3.80
N TYR B 322 18.43 -18.88 4.70
CA TYR B 322 18.60 -17.62 5.37
C TYR B 322 18.76 -17.77 6.88
N ARG B 323 19.50 -16.84 7.47
N ARG B 323 19.51 -16.86 7.48
CA ARG B 323 19.69 -16.84 8.91
CA ARG B 323 19.67 -16.91 8.91
C ARG B 323 18.30 -16.52 9.50
C ARG B 323 18.29 -16.57 9.48
N ASP B 324 17.99 -17.07 10.67
CA ASP B 324 16.69 -16.79 11.30
C ASP B 324 16.56 -15.28 11.54
N VAL B 325 15.35 -14.74 11.42
CA VAL B 325 15.16 -13.32 11.69
C VAL B 325 14.34 -13.28 12.95
N VAL B 326 14.87 -12.68 14.01
CA VAL B 326 14.17 -12.63 15.28
C VAL B 326 13.66 -11.25 15.57
N ALA B 327 12.39 -11.14 15.93
CA ALA B 327 11.79 -9.84 16.23
C ALA B 327 11.03 -9.89 17.54
N ASP B 328 11.24 -8.90 18.39
CA ASP B 328 10.53 -8.81 19.66
C ASP B 328 9.42 -7.76 19.55
N VAL B 329 8.23 -8.10 20.03
CA VAL B 329 7.11 -7.17 19.96
C VAL B 329 6.24 -7.33 21.19
N ARG B 330 5.51 -6.28 21.54
CA ARG B 330 4.63 -6.35 22.70
C ARG B 330 3.18 -6.09 22.27
N PHE B 331 2.27 -6.94 22.70
CA PHE B 331 0.86 -6.73 22.39
C PHE B 331 0.19 -6.28 23.70
N LEU B 332 -0.43 -5.10 23.65
CA LEU B 332 -1.08 -4.50 24.80
C LEU B 332 -2.36 -5.18 25.26
N PRO B 333 -2.73 -4.99 26.54
CA PRO B 333 -3.93 -5.57 27.14
C PRO B 333 -5.15 -4.94 26.49
N LYS B 334 -6.27 -5.63 26.57
CA LYS B 334 -7.52 -5.15 26.01
C LYS B 334 -8.17 -4.21 27.02
N TYR B 335 -8.63 -3.06 26.57
CA TYR B 335 -9.29 -2.11 27.46
C TYR B 335 -10.66 -2.70 27.82
N GLU B 336 -10.86 -3.03 29.09
CA GLU B 336 -12.11 -3.64 29.54
C GLU B 336 -13.21 -2.67 29.95
N GLY B 337 -12.89 -1.39 30.05
CA GLY B 337 -13.93 -0.44 30.39
C GLY B 337 -14.73 -0.24 29.12
N ASN B 338 -15.72 0.64 29.12
CA ASN B 338 -16.48 0.86 27.90
C ASN B 338 -16.54 2.35 27.56
N ILE B 339 -16.03 2.65 26.37
CA ILE B 339 -15.93 4.01 25.86
C ILE B 339 -17.13 4.44 25.00
N ASP B 340 -17.48 5.73 25.05
CA ASP B 340 -18.58 6.27 24.28
C ASP B 340 -18.08 7.34 23.33
N ILE B 341 -18.46 7.23 22.07
CA ILE B 341 -18.02 8.18 21.05
C ILE B 341 -19.19 8.80 20.28
N GLY B 342 -19.07 10.09 19.97
CA GLY B 342 -20.13 10.78 19.24
C GLY B 342 -19.57 11.83 18.30
N LEU B 343 -20.19 11.94 17.12
CA LEU B 343 -19.76 12.92 16.13
C LEU B 343 -20.87 13.94 15.80
N LYS B 344 -20.54 15.22 15.94
CA LYS B 344 -21.51 16.28 15.67
C LYS B 344 -20.81 17.50 15.07
N GLY B 345 -21.10 17.76 13.80
CA GLY B 345 -20.47 18.88 13.12
C GLY B 345 -18.97 18.64 13.02
N LYS B 346 -18.21 19.39 13.82
CA LYS B 346 -16.75 19.26 13.85
C LYS B 346 -16.35 18.81 15.25
N VAL B 347 -17.28 18.16 15.94
CA VAL B 347 -17.03 17.73 17.31
C VAL B 347 -17.09 16.23 17.55
N LEU B 348 -16.05 15.72 18.22
CA LEU B 348 -15.96 14.31 18.57
C LEU B 348 -16.10 14.24 20.09
N THR B 349 -17.16 13.59 20.55
CA THR B 349 -17.41 13.48 21.98
C THR B 349 -17.01 12.12 22.54
N ILE B 350 -16.09 12.14 23.50
CA ILE B 350 -15.60 10.93 24.14
C ILE B 350 -15.96 10.84 25.62
N GLY B 351 -16.67 9.78 25.97
CA GLY B 351 -17.06 9.58 27.36
C GLY B 351 -17.05 8.11 27.71
N GLY B 352 -17.40 7.79 28.95
CA GLY B 352 -17.44 6.41 29.38
C GLY B 352 -16.13 5.82 29.86
N ALA B 353 -15.03 6.54 29.63
CA ALA B 353 -13.73 6.06 30.05
C ALA B 353 -13.03 7.01 31.02
N ASP B 354 -12.08 6.46 31.75
CA ASP B 354 -11.30 7.20 32.74
C ASP B 354 -10.54 8.34 32.06
N ALA B 355 -9.93 9.21 32.87
CA ALA B 355 -9.16 10.32 32.34
C ALA B 355 -7.75 9.83 32.05
N GLU B 356 -7.19 9.04 32.96
CA GLU B 356 -5.85 8.51 32.77
C GLU B 356 -5.80 7.55 31.58
N THR B 357 -6.87 6.78 31.42
CA THR B 357 -6.97 5.82 30.33
C THR B 357 -6.89 6.50 28.96
N LEU B 358 -7.29 7.77 28.89
CA LEU B 358 -7.27 8.52 27.63
C LEU B 358 -6.02 9.38 27.47
N MET B 359 -5.00 9.11 28.27
CA MET B 359 -3.74 9.85 28.21
C MET B 359 -3.00 9.49 26.94
N ASP B 360 -2.49 10.50 26.23
CA ASP B 360 -1.75 10.25 25.01
C ASP B 360 -2.57 9.46 23.99
N ALA B 361 -3.90 9.50 24.12
CA ALA B 361 -4.77 8.79 23.18
C ALA B 361 -4.86 9.58 21.88
N ALA B 362 -5.15 8.88 20.80
CA ALA B 362 -5.26 9.50 19.49
C ALA B 362 -6.35 8.79 18.68
N VAL B 363 -6.85 9.45 17.63
CA VAL B 363 -7.89 8.82 16.82
C VAL B 363 -7.74 9.06 15.33
N ASP B 364 -8.39 8.19 14.57
CA ASP B 364 -8.46 8.29 13.12
C ASP B 364 -9.97 8.31 12.92
N VAL B 365 -10.44 8.92 11.83
CA VAL B 365 -11.87 8.94 11.55
C VAL B 365 -12.02 8.83 10.06
N PHE B 366 -12.81 7.85 9.61
CA PHE B 366 -13.00 7.66 8.19
C PHE B 366 -14.30 6.94 7.88
N ALA B 367 -14.94 7.31 6.79
CA ALA B 367 -16.18 6.65 6.38
C ALA B 367 -15.79 5.32 5.76
N ASP B 368 -16.60 4.30 6.00
CA ASP B 368 -16.35 2.94 5.51
C ASP B 368 -15.23 2.77 4.48
N GLY B 369 -15.51 3.05 3.22
CA GLY B 369 -14.48 2.89 2.19
C GLY B 369 -14.00 4.22 1.62
N GLN B 370 -13.65 5.14 2.50
CA GLN B 370 -13.20 6.45 2.09
C GLN B 370 -11.88 6.85 2.75
N PRO B 371 -11.23 7.91 2.24
CA PRO B 371 -9.95 8.35 2.81
C PRO B 371 -10.24 8.93 4.20
N LYS B 372 -9.23 8.94 5.06
CA LYS B 372 -9.40 9.45 6.42
C LYS B 372 -9.67 10.94 6.44
N LEU B 373 -10.61 11.35 7.29
CA LEU B 373 -10.93 12.77 7.44
C LEU B 373 -10.05 13.28 8.57
N VAL B 374 -9.77 12.39 9.51
CA VAL B 374 -8.96 12.70 10.68
C VAL B 374 -7.86 11.64 10.81
N SER B 375 -6.60 12.08 10.89
CA SER B 375 -5.49 11.15 11.04
C SER B 375 -4.66 11.42 12.27
N ASP B 376 -4.59 10.43 13.15
CA ASP B 376 -3.82 10.52 14.37
C ASP B 376 -3.98 11.83 15.14
N GLN B 377 -5.22 12.22 15.40
CA GLN B 377 -5.47 13.46 16.12
C GLN B 377 -5.56 13.22 17.62
N ALA B 378 -4.72 13.91 18.38
CA ALA B 378 -4.71 13.77 19.82
C ALA B 378 -6.10 14.05 20.35
N VAL B 379 -6.49 13.35 21.41
CA VAL B 379 -7.81 13.53 21.97
C VAL B 379 -7.84 13.32 23.48
N SER B 380 -8.86 13.89 24.11
CA SER B 380 -9.06 13.78 25.55
C SER B 380 -10.52 13.49 25.83
N LEU B 381 -10.85 13.30 27.10
CA LEU B 381 -12.21 13.01 27.52
C LEU B 381 -13.12 14.22 27.30
N GLY B 382 -14.38 13.97 26.91
CA GLY B 382 -15.31 15.06 26.69
C GLY B 382 -15.60 15.38 25.22
N GLN B 383 -15.41 16.64 24.85
CA GLN B 383 -15.65 17.08 23.48
C GLN B 383 -14.35 17.47 22.78
N ASN B 384 -14.25 17.11 21.51
CA ASN B 384 -13.04 17.40 20.73
C ASN B 384 -13.37 17.99 19.36
N VAL B 385 -13.12 19.28 19.20
CA VAL B 385 -13.38 19.95 17.92
C VAL B 385 -12.22 19.57 17.00
N LEU B 386 -12.54 19.12 15.78
CA LEU B 386 -11.51 18.69 14.84
C LEU B 386 -11.55 19.38 13.48
N SER B 387 -10.45 19.23 12.73
CA SER B 387 -10.31 19.81 11.40
C SER B 387 -11.10 18.98 10.40
N ALA B 388 -12.41 18.88 10.62
CA ALA B 388 -13.24 18.12 9.71
C ALA B 388 -14.72 18.33 9.98
N ASP B 389 -15.52 18.15 8.94
CA ASP B 389 -16.96 18.30 9.03
C ASP B 389 -17.57 16.94 8.83
N PHE B 390 -18.25 16.45 9.86
CA PHE B 390 -18.87 15.14 9.77
C PHE B 390 -20.29 15.24 9.20
N THR B 391 -20.47 14.64 8.04
CA THR B 391 -21.76 14.64 7.35
C THR B 391 -22.85 13.96 8.17
N PRO B 392 -23.81 14.74 8.69
CA PRO B 392 -24.90 14.16 9.49
C PRO B 392 -25.55 13.00 8.75
N GLY B 393 -25.92 11.96 9.51
CA GLY B 393 -26.53 10.79 8.91
C GLY B 393 -25.50 9.80 8.39
N THR B 394 -24.25 10.23 8.29
CA THR B 394 -23.18 9.34 7.81
C THR B 394 -22.54 8.56 8.96
N GLU B 395 -22.33 7.27 8.74
CA GLU B 395 -21.71 6.42 9.76
C GLU B 395 -20.22 6.31 9.51
N TYR B 396 -19.43 6.94 10.37
CA TYR B 396 -17.97 6.92 10.27
C TYR B 396 -17.36 5.90 11.21
N THR B 397 -16.13 5.50 10.91
CA THR B 397 -15.40 4.56 11.75
C THR B 397 -14.44 5.45 12.53
N VAL B 398 -14.38 5.23 13.84
CA VAL B 398 -13.48 5.97 14.71
C VAL B 398 -12.57 4.98 15.43
N GLU B 399 -11.27 5.08 15.16
CA GLU B 399 -10.33 4.19 15.81
C GLU B 399 -9.65 4.98 16.90
N VAL B 400 -9.59 4.41 18.10
CA VAL B 400 -8.96 5.06 19.22
C VAL B 400 -7.75 4.24 19.66
N ARG B 401 -6.58 4.87 19.62
CA ARG B 401 -5.37 4.21 20.06
C ARG B 401 -5.02 4.69 21.47
N PHE B 402 -4.93 3.75 22.40
CA PHE B 402 -4.58 4.10 23.78
C PHE B 402 -3.09 3.87 23.98
N LYS B 403 -2.57 4.40 25.07
CA LYS B 403 -1.17 4.26 25.40
C LYS B 403 -0.86 2.88 26.02
N GLU B 404 -1.75 2.42 26.89
CA GLU B 404 -1.55 1.15 27.58
C GLU B 404 -2.50 0.02 27.17
N PHE B 405 -3.29 0.24 26.13
CA PHE B 405 -4.24 -0.79 25.70
C PHE B 405 -4.30 -0.93 24.19
N GLY B 406 -4.77 -2.08 23.72
CA GLY B 406 -4.92 -2.30 22.29
C GLY B 406 -5.91 -1.28 21.77
N SER B 407 -5.78 -0.90 20.50
CA SER B 407 -6.67 0.10 19.93
C SER B 407 -8.11 -0.41 19.88
N VAL B 408 -9.04 0.52 19.74
CA VAL B 408 -10.46 0.19 19.66
C VAL B 408 -11.08 0.97 18.52
N ARG B 409 -11.97 0.33 17.77
CA ARG B 409 -12.65 1.05 16.71
C ARG B 409 -14.15 0.86 16.83
N ALA B 410 -14.89 1.94 16.58
CA ALA B 410 -16.33 1.90 16.68
C ALA B 410 -17.03 2.62 15.52
N LYS B 411 -18.30 2.32 15.35
CA LYS B 411 -19.11 2.92 14.31
C LYS B 411 -19.89 4.08 14.93
N VAL B 412 -19.74 5.27 14.35
CA VAL B 412 -20.43 6.44 14.84
C VAL B 412 -21.15 7.14 13.69
N VAL B 413 -22.39 7.57 13.93
CA VAL B 413 -23.19 8.26 12.92
C VAL B 413 -23.18 9.77 13.19
#